data_8CTG
#
_entry.id   8CTG
#
loop_
_entity.id
_entity.type
_entity.pdbx_description
1 polymer Frizzled-8
2 polymer 'Protein Wnt-8'
3 polymer 'Low-density lipoprotein receptor-related protein 6'
4 non-polymer 'PALMITOLEIC ACID'
#
loop_
_entity_poly.entity_id
_entity_poly.type
_entity_poly.pdbx_seq_one_letter_code
_entity_poly.pdbx_strand_id
1 'polypeptide(L)'
;ASAKELACQEITVPLCKGIGYNYTYMPNQFNHDTQDEAGLEVHQFWPLVEIQCSPDLKFFLCSMYTPICLEDYKKPLPPC
RSVCERAKAGCAPLMRQYGFAWPDRMRCDRLPEQGNPDTLCMDAAALEVLFQ
;
A
2 'polypeptide(L)'
;GSAWSVNNFLMTGPKAYLTYSASVAVGAQNGIEECKYQFAWERWNCPESTLQLATHNGLRSATRETSFVHAISSAGVMYT
LTRNCSMGDFDNCGCDDSRNGRIGGRGWVWGGCSDNAEFGERISKLFVDGLETGQDARALMNLHNNEAGRLAVKETMKRT
CKCHGISGSCSIQTCWLQLAEFRDIGNHLKIKHDQALKLEMDKRKMPSTNSVNSRRAIADAFSSVAGSELIFLEDSPDYC
LKNISLGLQGTEGRECLQSGKNLSQWERRSCKRLCTDCGLRVEEKKTEIISSCNCKFHWCCTVKCEQCKQVVIKHFCARH
HHHHHHH
;
B
3 'polypeptide(L)'
;GSAPLLLYANRRDLRLVDATNGKENATIVVGGLEDAAAVDFVFSHGLIYWSDVSEEAIKRTEFNKTESVQNVVVSGLLSP
DGLACDWLGEKLYWTDSETNRIEVSNLDGSLRKVLFWQELDQPRAIALDPSSGFMYWTDWGEVPKIERAGMDGSSRFIII
NSEIYWPNGLTLDYEEQKLYWADAKLNFIHKSNLDGTNRQAVVKGSLPHPFALTLFEDILYWTDWSTHSILACNKYTGEG
LREIHSDIFSPMDIHAFSQQRQPNATNPCGIDNGGCSHLCLMSPVKPFYQCACPTGVKLLENGKTCKDGATELLLLARRT
DLRRISLDTPDFTDIVLQLEDIRHAIAIDYDPVEGYIYWTDDEVRAIRRSFIDGSGSQFVVTAQIAHPDGIAVDWVARNL
YWTDTGTDRIEVTRLNGTMRKILISEDLEEPRAIVLDPMVGYMYWTDWGEIPKIERAALDGSDRVVLVNTSLGWPNGLAL
DYDEGKIYWGDAKTDKIEVMNTDGTGRRVLVEDKIPHIFGFTLLGDYVYWTDWQRRSIERVHKRSAEREVIIDQLPDLMG
LKATNVHRVIGSNPCAEENGGCSHLCLYRPQGLRCACPIGFELISDMKTCIVSRGLEVLFQGPGAAGLNDIFEAQKIEWH
EHHHHHHHH
;
C
#
loop_
_chem_comp.id
_chem_comp.type
_chem_comp.name
_chem_comp.formula
PAM non-polymer 'PALMITOLEIC ACID' 'C16 H30 O2'
#
# COMPACT_ATOMS: atom_id res chain seq x y z
N CYS A 8 33.20 3.22 30.76
CA CYS A 8 33.62 3.11 32.15
C CYS A 8 32.55 3.69 33.08
N GLN A 9 32.41 3.07 34.25
CA GLN A 9 31.64 3.64 35.34
C GLN A 9 32.45 3.51 36.62
N GLU A 10 31.95 4.14 37.68
CA GLU A 10 32.67 4.19 38.94
C GLU A 10 32.20 3.05 39.83
N ILE A 11 33.15 2.47 40.58
CA ILE A 11 32.83 1.37 41.47
C ILE A 11 31.81 1.84 42.50
N THR A 12 30.68 1.14 42.59
CA THR A 12 29.65 1.47 43.56
C THR A 12 29.47 0.40 44.64
N VAL A 13 30.00 -0.79 44.43
CA VAL A 13 29.84 -1.88 45.40
C VAL A 13 30.83 -1.65 46.54
N PRO A 14 30.37 -1.63 47.80
CA PRO A 14 31.29 -1.36 48.93
C PRO A 14 32.53 -2.25 48.91
N LEU A 15 32.34 -3.57 48.80
CA LEU A 15 33.44 -4.53 48.93
C LEU A 15 34.50 -4.32 47.88
N CYS A 16 34.19 -3.66 46.76
CA CYS A 16 35.13 -3.50 45.67
C CYS A 16 35.70 -2.11 45.58
N LYS A 17 35.34 -1.22 46.51
CA LYS A 17 35.93 0.10 46.51
C LYS A 17 37.37 -0.06 46.95
N GLY A 18 38.30 0.56 46.23
CA GLY A 18 39.69 0.48 46.60
C GLY A 18 40.20 -0.95 46.54
N ILE A 19 39.76 -1.70 45.52
CA ILE A 19 40.26 -3.05 45.31
C ILE A 19 41.48 -3.06 44.41
N GLY A 20 41.66 -2.01 43.62
CA GLY A 20 42.78 -1.89 42.70
C GLY A 20 42.48 -0.88 41.62
N TYR A 21 41.20 -0.73 41.28
CA TYR A 21 40.80 0.22 40.24
C TYR A 21 39.51 0.87 40.64
N ASN A 22 39.32 2.11 40.19
CA ASN A 22 38.15 2.90 40.55
C ASN A 22 37.13 2.96 39.41
N TYR A 23 37.46 2.37 38.27
CA TYR A 23 36.65 2.48 37.06
C TYR A 23 36.29 1.07 36.60
N THR A 24 35.01 0.82 36.39
CA THR A 24 34.53 -0.46 35.90
C THR A 24 33.58 -0.21 34.75
N TYR A 25 33.32 -1.26 33.99
CA TYR A 25 32.41 -1.19 32.85
C TYR A 25 31.17 -2.02 33.11
N MET A 26 30.17 -1.81 32.27
CA MET A 26 28.95 -2.60 32.31
C MET A 26 28.47 -2.84 30.89
N PRO A 27 27.90 -4.01 30.62
CA PRO A 27 27.67 -5.12 31.56
C PRO A 27 28.97 -5.85 31.88
N ASN A 28 28.99 -6.65 32.93
CA ASN A 28 30.19 -7.33 33.37
C ASN A 28 30.24 -8.77 32.86
N GLN A 29 31.29 -9.49 33.27
CA GLN A 29 31.43 -10.89 32.91
C GLN A 29 30.23 -11.73 33.35
N PHE A 30 29.46 -11.23 34.32
CA PHE A 30 28.28 -11.92 34.82
C PHE A 30 27.01 -11.42 34.16
N ASN A 31 27.12 -10.49 33.20
CA ASN A 31 26.00 -9.91 32.48
C ASN A 31 25.03 -9.21 33.45
N HIS A 32 25.55 -8.12 34.02
CA HIS A 32 24.81 -7.29 34.95
C HIS A 32 24.57 -5.91 34.32
N ASP A 33 23.39 -5.36 34.56
CA ASP A 33 23.06 -4.04 34.02
C ASP A 33 23.84 -2.95 34.75
N THR A 34 23.59 -2.81 36.04
CA THR A 34 24.17 -1.77 36.86
C THR A 34 25.21 -2.37 37.80
N GLN A 35 26.04 -1.50 38.37
CA GLN A 35 26.99 -1.94 39.38
C GLN A 35 26.26 -2.44 40.62
N ASP A 36 25.10 -1.86 40.93
CA ASP A 36 24.31 -2.32 42.06
C ASP A 36 23.89 -3.77 41.87
N GLU A 37 23.53 -4.15 40.64
CA GLU A 37 23.19 -5.53 40.36
C GLU A 37 24.38 -6.47 40.56
N ALA A 38 25.58 -6.04 40.18
CA ALA A 38 26.74 -6.90 40.39
C ALA A 38 27.07 -7.00 41.88
N GLY A 39 26.82 -5.91 42.63
CA GLY A 39 27.12 -5.91 44.04
C GLY A 39 26.16 -6.80 44.79
N LEU A 40 24.88 -6.79 44.38
CA LEU A 40 23.88 -7.66 45.00
C LEU A 40 24.30 -9.12 44.93
N GLU A 41 25.03 -9.49 43.88
CA GLU A 41 25.47 -10.87 43.67
C GLU A 41 26.77 -11.15 44.40
N VAL A 42 27.73 -10.22 44.35
CA VAL A 42 29.00 -10.45 45.02
C VAL A 42 28.84 -10.37 46.54
N HIS A 43 27.77 -9.75 47.03
CA HIS A 43 27.51 -9.67 48.46
C HIS A 43 27.17 -11.02 49.08
N GLN A 44 26.73 -11.98 48.28
CA GLN A 44 26.43 -13.30 48.81
C GLN A 44 27.69 -14.02 49.27
N PHE A 45 28.87 -13.46 49.00
CA PHE A 45 30.13 -14.03 49.43
C PHE A 45 30.64 -13.34 50.69
N TRP A 46 29.94 -12.30 51.13
CA TRP A 46 30.38 -11.52 52.29
C TRP A 46 30.80 -12.37 53.48
N PRO A 47 30.08 -13.44 53.86
CA PRO A 47 30.62 -14.32 54.92
C PRO A 47 32.04 -14.75 54.61
N LEU A 48 32.22 -15.37 53.44
CA LEU A 48 33.53 -15.89 53.06
C LEU A 48 34.56 -14.77 52.98
N VAL A 49 34.10 -13.54 52.73
CA VAL A 49 34.99 -12.38 52.69
C VAL A 49 35.43 -12.00 54.11
N GLU A 50 34.48 -11.96 55.05
CA GLU A 50 34.78 -11.62 56.43
C GLU A 50 35.71 -12.65 57.04
N ILE A 51 35.49 -13.93 56.77
CA ILE A 51 36.41 -14.96 57.22
C ILE A 51 37.82 -14.66 56.70
N GLN A 52 37.92 -14.02 55.54
CA GLN A 52 39.20 -13.75 54.87
C GLN A 52 39.96 -15.07 54.64
N CYS A 53 39.26 -16.01 54.01
CA CYS A 53 39.86 -17.29 53.65
C CYS A 53 40.94 -17.17 52.58
N SER A 54 40.91 -16.11 51.77
CA SER A 54 41.99 -15.87 50.84
C SER A 54 42.13 -14.38 50.57
N PRO A 55 43.34 -13.82 50.59
CA PRO A 55 43.47 -12.39 50.31
C PRO A 55 43.04 -12.06 48.89
N ASP A 56 43.23 -12.98 47.95
CA ASP A 56 42.96 -12.70 46.55
C ASP A 56 41.46 -12.75 46.23
N LEU A 57 40.68 -13.46 47.05
CA LEU A 57 39.27 -13.69 46.74
C LEU A 57 38.54 -12.39 46.43
N LYS A 58 38.77 -11.35 47.24
CA LYS A 58 38.08 -10.08 47.03
C LYS A 58 38.50 -9.45 45.71
N PHE A 59 39.78 -9.51 45.38
CA PHE A 59 40.24 -8.93 44.11
C PHE A 59 39.72 -9.73 42.92
N PHE A 60 39.75 -11.06 43.01
CA PHE A 60 39.26 -11.88 41.90
C PHE A 60 37.77 -11.63 41.68
N LEU A 61 36.97 -11.78 42.74
CA LEU A 61 35.53 -11.58 42.62
C LEU A 61 35.18 -10.17 42.18
N CYS A 62 36.03 -9.18 42.48
CA CYS A 62 35.69 -7.82 42.08
C CYS A 62 36.15 -7.55 40.67
N SER A 63 37.20 -8.24 40.21
CA SER A 63 37.66 -8.15 38.84
C SER A 63 36.73 -8.92 37.91
N MET A 64 35.90 -9.80 38.49
CA MET A 64 34.98 -10.65 37.73
C MET A 64 33.57 -10.09 37.70
N TYR A 65 33.08 -9.54 38.81
CA TYR A 65 31.72 -9.01 38.84
C TYR A 65 31.66 -7.55 38.42
N THR A 66 32.74 -6.81 38.60
CA THR A 66 32.87 -5.42 38.11
C THR A 66 34.28 -5.24 37.57
N PRO A 67 34.59 -5.83 36.41
CA PRO A 67 35.96 -5.78 35.89
C PRO A 67 36.45 -4.36 35.64
N ILE A 68 37.77 -4.23 35.65
CA ILE A 68 38.39 -2.92 35.54
C ILE A 68 38.04 -2.29 34.20
N CYS A 69 38.00 -0.97 34.18
CA CYS A 69 37.77 -0.22 32.95
C CYS A 69 38.82 0.87 32.88
N LEU A 70 39.68 0.81 31.87
CA LEU A 70 40.80 1.72 31.73
C LEU A 70 40.62 2.61 30.51
N GLU A 71 41.09 3.85 30.62
CA GLU A 71 40.98 4.84 29.56
C GLU A 71 42.13 4.77 28.57
N ASP A 72 43.10 3.88 28.79
CA ASP A 72 44.19 3.65 27.86
C ASP A 72 44.14 2.27 27.24
N TYR A 73 43.58 1.30 27.97
CA TYR A 73 43.44 -0.08 27.52
C TYR A 73 41.94 -0.36 27.51
N LYS A 74 41.36 -0.45 26.32
CA LYS A 74 39.91 -0.61 26.18
C LYS A 74 39.51 -2.05 25.95
N LYS A 75 40.45 -2.98 26.10
CA LYS A 75 40.14 -4.40 26.11
C LYS A 75 39.94 -4.85 27.55
N PRO A 76 39.03 -5.79 27.81
CA PRO A 76 38.82 -6.26 29.17
C PRO A 76 40.14 -6.75 29.75
N LEU A 77 40.25 -6.67 31.08
CA LEU A 77 41.47 -7.09 31.78
C LEU A 77 41.04 -7.96 32.94
N PRO A 78 41.13 -9.27 32.80
CA PRO A 78 40.70 -10.19 33.84
C PRO A 78 41.85 -10.49 34.78
N PRO A 79 41.56 -11.03 35.95
CA PRO A 79 42.65 -11.46 36.83
C PRO A 79 43.28 -12.70 36.23
N CYS A 80 44.57 -12.87 36.52
CA CYS A 80 45.29 -14.00 35.95
C CYS A 80 44.77 -15.31 36.58
N ARG A 81 45.06 -16.43 35.91
CA ARG A 81 44.61 -17.74 36.38
C ARG A 81 45.16 -18.08 37.76
N SER A 82 46.38 -17.64 38.08
CA SER A 82 46.98 -17.98 39.36
C SER A 82 46.24 -17.34 40.53
N VAL A 83 45.81 -16.09 40.35
CA VAL A 83 45.02 -15.40 41.37
C VAL A 83 43.75 -16.17 41.65
N CYS A 84 43.08 -16.60 40.58
CA CYS A 84 41.85 -17.36 40.75
C CYS A 84 42.13 -18.69 41.40
N GLU A 85 43.20 -19.38 40.97
CA GLU A 85 43.54 -20.67 41.53
C GLU A 85 43.96 -20.56 42.98
N ARG A 86 44.45 -19.38 43.39
CA ARG A 86 44.88 -19.16 44.76
C ARG A 86 43.69 -18.83 45.65
N ALA A 87 42.75 -18.03 45.14
CA ALA A 87 41.55 -17.75 45.90
C ALA A 87 40.76 -19.04 46.08
N LYS A 88 40.73 -19.87 45.05
CA LYS A 88 40.04 -21.15 45.19
C LYS A 88 40.79 -22.08 46.14
N ALA A 89 42.12 -22.10 46.06
CA ALA A 89 42.89 -22.99 46.92
C ALA A 89 42.67 -22.65 48.39
N GLY A 90 42.67 -21.36 48.73
CA GLY A 90 42.51 -20.98 50.12
C GLY A 90 41.08 -21.03 50.60
N CYS A 91 40.14 -20.53 49.79
CA CYS A 91 38.78 -20.38 50.28
C CYS A 91 38.00 -21.66 50.09
N ALA A 92 38.17 -22.30 48.94
CA ALA A 92 37.41 -23.48 48.53
C ALA A 92 37.31 -24.58 49.57
N PRO A 93 38.36 -24.98 50.30
CA PRO A 93 38.14 -26.09 51.24
C PRO A 93 37.04 -25.83 52.26
N LEU A 94 36.97 -24.64 52.86
CA LEU A 94 35.90 -24.38 53.82
C LEU A 94 34.51 -24.39 53.19
N MET A 95 34.37 -23.78 52.00
CA MET A 95 33.05 -23.72 51.37
C MET A 95 32.58 -25.08 50.89
N ARG A 96 33.44 -25.83 50.24
CA ARG A 96 33.07 -27.19 49.90
C ARG A 96 32.72 -27.95 51.17
N GLN A 97 33.50 -27.76 52.24
CA GLN A 97 33.29 -28.52 53.45
C GLN A 97 31.95 -28.18 54.04
N TYR A 98 31.41 -27.02 53.67
CA TYR A 98 30.12 -26.58 54.13
C TYR A 98 29.17 -26.58 52.96
N GLY A 99 29.56 -27.24 51.88
CA GLY A 99 28.74 -27.37 50.70
C GLY A 99 28.70 -26.18 49.77
N PHE A 100 29.80 -25.46 49.60
CA PHE A 100 29.81 -24.34 48.66
C PHE A 100 30.90 -24.62 47.66
N ALA A 101 30.47 -24.91 46.44
CA ALA A 101 31.34 -25.14 45.31
C ALA A 101 31.90 -23.84 44.79
N TRP A 102 33.13 -23.90 44.30
CA TRP A 102 33.69 -22.75 43.64
C TRP A 102 32.81 -22.47 42.43
N PRO A 103 32.18 -21.30 42.33
CA PRO A 103 31.18 -21.07 41.28
C PRO A 103 31.74 -21.34 39.90
N ASP A 104 30.89 -21.94 39.04
CA ASP A 104 31.35 -22.38 37.73
C ASP A 104 31.69 -21.21 36.82
N ARG A 105 31.13 -20.02 37.06
CA ARG A 105 31.57 -18.86 36.28
C ARG A 105 32.96 -18.44 36.70
N MET A 106 33.30 -18.67 37.98
CA MET A 106 34.57 -18.30 38.59
C MET A 106 35.67 -19.31 38.30
N ARG A 107 35.38 -20.36 37.53
CA ARG A 107 36.36 -21.40 37.24
C ARG A 107 37.64 -20.80 36.69
N CYS A 108 38.77 -21.42 37.02
CA CYS A 108 40.06 -20.80 36.82
C CYS A 108 40.73 -21.25 35.53
N ASP A 109 40.23 -22.31 34.91
CA ASP A 109 40.78 -22.73 33.62
C ASP A 109 40.13 -21.97 32.47
N ARG A 110 39.08 -21.21 32.75
CA ARG A 110 38.41 -20.32 31.81
C ARG A 110 39.08 -18.96 31.68
N LEU A 111 40.18 -18.72 32.40
CA LEU A 111 40.88 -17.44 32.41
C LEU A 111 42.24 -17.54 31.71
N PRO A 112 42.72 -16.43 31.17
CA PRO A 112 44.07 -16.45 30.56
C PRO A 112 45.12 -16.63 31.65
N GLU A 113 46.26 -17.21 31.26
CA GLU A 113 47.38 -17.34 32.17
C GLU A 113 48.39 -16.22 31.99
N GLN A 114 49.08 -15.88 33.08
CA GLN A 114 50.03 -14.79 33.05
C GLN A 114 51.25 -15.21 32.24
N GLY A 115 51.81 -14.26 31.54
CA GLY A 115 53.02 -14.46 30.79
C GLY A 115 52.80 -14.54 29.30
N ASN A 116 51.71 -13.97 28.79
CA ASN A 116 51.42 -13.97 27.37
C ASN A 116 50.95 -12.59 26.93
N PRO A 117 51.61 -11.97 25.97
CA PRO A 117 51.11 -10.69 25.44
C PRO A 117 49.72 -10.82 24.84
N ASP A 118 49.38 -11.99 24.28
CA ASP A 118 48.04 -12.21 23.74
C ASP A 118 47.04 -12.38 24.86
N THR A 119 47.39 -13.12 25.91
CA THR A 119 46.50 -13.33 27.05
C THR A 119 46.99 -12.45 28.19
N LEU A 120 46.50 -11.21 28.21
CA LEU A 120 46.91 -10.20 29.16
C LEU A 120 45.96 -10.16 30.35
N CYS A 121 46.49 -10.20 31.55
CA CYS A 121 45.67 -10.31 32.75
C CYS A 121 46.30 -9.45 33.84
N MET A 122 45.67 -9.46 35.02
CA MET A 122 46.10 -8.64 36.14
C MET A 122 46.52 -9.51 37.30
N ASP A 123 47.75 -9.34 37.76
CA ASP A 123 48.33 -10.16 38.82
C ASP A 123 49.61 -9.50 39.29
N ALA A 124 50.28 -10.14 40.22
CA ALA A 124 51.50 -9.61 40.82
C ALA A 124 52.67 -10.27 40.11
N ALA A 125 53.27 -9.54 39.17
CA ALA A 125 54.45 -10.01 38.45
C ALA A 125 54.22 -11.39 37.82
N ALA B 3 2.12 11.65 19.86
CA ALA B 3 1.08 11.14 18.97
C ALA B 3 1.70 10.31 17.85
N TRP B 4 2.94 9.87 18.06
CA TRP B 4 3.61 9.00 17.10
C TRP B 4 2.72 7.81 16.73
N SER B 5 2.07 7.22 17.73
CA SER B 5 1.13 6.12 17.52
C SER B 5 -0.29 6.67 17.66
N VAL B 6 -0.96 6.89 16.53
CA VAL B 6 -2.27 7.53 16.48
C VAL B 6 -3.10 6.85 15.41
N ASN B 7 -4.35 7.29 15.26
CA ASN B 7 -5.23 6.74 14.24
C ASN B 7 -4.66 6.92 12.84
N ASN B 8 -3.80 7.92 12.64
CA ASN B 8 -3.03 8.11 11.42
C ASN B 8 -3.94 8.23 10.20
N PHE B 9 -4.79 9.25 10.23
CA PHE B 9 -5.67 9.49 9.09
C PHE B 9 -5.40 10.83 8.42
N LEU B 10 -5.47 11.94 9.16
CA LEU B 10 -5.43 13.26 8.54
C LEU B 10 -4.06 13.91 8.62
N MET B 11 -3.56 14.17 9.83
CA MET B 11 -2.32 14.87 10.04
C MET B 11 -1.54 14.23 11.17
N THR B 12 -0.22 14.35 11.11
CA THR B 12 0.71 13.85 12.12
C THR B 12 0.76 12.33 12.12
N GLY B 13 -0.40 11.69 12.27
CA GLY B 13 -0.50 10.25 12.20
C GLY B 13 0.04 9.70 10.90
N PRO B 14 -0.69 9.94 9.78
CA PRO B 14 -0.28 9.38 8.48
C PRO B 14 1.18 9.66 8.13
N LYS B 15 1.77 10.62 8.84
CA LYS B 15 3.18 10.98 8.76
C LYS B 15 4.07 9.96 9.46
N ALA B 16 5.30 10.37 9.81
CA ALA B 16 6.30 9.55 10.51
C ALA B 16 6.99 8.59 9.56
N TYR B 17 7.36 9.09 8.38
CA TYR B 17 8.06 8.35 7.36
C TYR B 17 9.48 8.83 7.14
N LEU B 18 9.75 10.13 7.29
CA LEU B 18 11.07 10.69 7.06
C LEU B 18 11.98 10.45 8.26
N THR B 19 11.43 10.53 9.47
CA THR B 19 12.19 10.40 10.70
C THR B 19 12.81 9.01 10.86
N TYR B 20 12.23 8.00 10.20
CA TYR B 20 12.70 6.62 10.29
C TYR B 20 13.62 6.24 9.14
N SER B 21 13.57 6.99 8.04
CA SER B 21 14.30 6.64 6.83
C SER B 21 15.78 6.47 7.13
N ALA B 22 16.32 7.28 8.03
CA ALA B 22 17.73 7.17 8.41
C ALA B 22 18.02 5.81 9.03
N SER B 23 17.20 5.40 10.00
CA SER B 23 17.44 4.12 10.66
C SER B 23 17.28 2.98 9.66
N VAL B 24 16.27 3.07 8.79
CA VAL B 24 16.06 2.03 7.78
C VAL B 24 17.30 1.94 6.89
N ALA B 25 17.83 3.09 6.48
CA ALA B 25 19.01 3.12 5.62
C ALA B 25 20.20 2.51 6.34
N VAL B 26 20.33 2.77 7.64
CA VAL B 26 21.38 2.13 8.44
C VAL B 26 21.22 0.62 8.42
N GLY B 27 19.97 0.15 8.53
CA GLY B 27 19.75 -1.29 8.51
C GLY B 27 20.15 -1.90 7.18
N ALA B 28 19.65 -1.32 6.09
CA ALA B 28 20.01 -1.80 4.77
C ALA B 28 21.53 -1.74 4.54
N GLN B 29 22.19 -0.73 5.11
CA GLN B 29 23.64 -0.65 5.01
C GLN B 29 24.32 -1.78 5.77
N ASN B 30 23.82 -2.10 6.97
CA ASN B 30 24.35 -3.26 7.69
C ASN B 30 24.16 -4.53 6.87
N GLY B 31 23.01 -4.63 6.19
CA GLY B 31 22.76 -5.80 5.35
C GLY B 31 23.72 -5.87 4.17
N ILE B 32 23.99 -4.72 3.54
CA ILE B 32 24.90 -4.69 2.40
C ILE B 32 26.32 -5.01 2.85
N GLU B 33 26.73 -4.47 3.99
CA GLU B 33 28.05 -4.78 4.53
C GLU B 33 28.17 -6.26 4.85
N GLU B 34 27.11 -6.86 5.39
CA GLU B 34 27.16 -8.29 5.67
C GLU B 34 27.21 -9.11 4.39
N CYS B 35 26.46 -8.70 3.36
CA CYS B 35 26.55 -9.37 2.06
C CYS B 35 27.95 -9.26 1.49
N LYS B 36 28.57 -8.09 1.61
CA LYS B 36 29.96 -7.92 1.19
C LYS B 36 30.89 -8.83 1.98
N TYR B 37 30.59 -9.01 3.27
CA TYR B 37 31.39 -9.89 4.11
C TYR B 37 31.28 -11.33 3.62
N GLN B 38 30.04 -11.79 3.41
CA GLN B 38 29.79 -13.17 3.03
C GLN B 38 30.48 -13.52 1.72
N PHE B 39 30.70 -12.55 0.85
CA PHE B 39 31.30 -12.76 -0.45
C PHE B 39 32.68 -12.12 -0.56
N ALA B 40 33.33 -11.88 0.58
CA ALA B 40 34.62 -11.19 0.61
C ALA B 40 35.65 -11.82 -0.33
N TRP B 41 35.64 -13.14 -0.46
CA TRP B 41 36.67 -13.83 -1.23
C TRP B 41 36.07 -14.65 -2.37
N GLU B 42 34.91 -14.24 -2.87
CA GLU B 42 34.29 -14.87 -4.02
C GLU B 42 34.36 -13.93 -5.23
N ARG B 43 34.12 -14.50 -6.41
CA ARG B 43 34.25 -13.71 -7.63
C ARG B 43 33.25 -12.57 -7.64
N TRP B 44 32.01 -12.85 -7.24
CA TRP B 44 31.03 -11.81 -6.91
C TRP B 44 31.19 -11.48 -5.43
N ASN B 45 31.48 -10.22 -5.12
CA ASN B 45 31.82 -9.81 -3.77
C ASN B 45 30.85 -8.75 -3.24
N CYS B 46 29.57 -8.86 -3.64
CA CYS B 46 28.55 -7.86 -3.33
C CYS B 46 29.03 -6.48 -3.77
N PRO B 47 29.10 -6.21 -5.09
CA PRO B 47 29.42 -4.86 -5.59
C PRO B 47 28.24 -3.90 -5.61
N GLU B 48 27.57 -3.75 -4.48
CA GLU B 48 26.31 -3.03 -4.39
C GLU B 48 26.44 -1.83 -3.45
N SER B 49 25.78 -0.74 -3.82
CA SER B 49 25.64 0.43 -2.96
C SER B 49 24.26 0.44 -2.31
N THR B 50 24.13 1.19 -1.22
CA THR B 50 22.80 1.43 -0.67
C THR B 50 21.88 2.09 -1.69
N LEU B 51 22.35 3.16 -2.33
CA LEU B 51 21.54 3.84 -3.36
C LEU B 51 21.03 2.86 -4.42
N GLN B 52 21.88 1.92 -4.84
CA GLN B 52 21.57 1.08 -5.99
C GLN B 52 20.30 0.27 -5.77
N LEU B 53 20.01 -0.13 -4.53
CA LEU B 53 18.86 -0.98 -4.27
C LEU B 53 17.55 -0.21 -4.33
N ALA B 54 17.64 1.10 -4.52
CA ALA B 54 16.50 1.95 -4.85
C ALA B 54 16.43 2.20 -6.34
N THR B 55 17.60 2.43 -6.96
CA THR B 55 17.67 2.64 -8.39
C THR B 55 17.46 1.34 -9.16
N HIS B 56 17.78 0.20 -8.55
CA HIS B 56 17.82 -1.11 -9.20
C HIS B 56 18.86 -1.18 -10.30
N ASN B 57 19.68 -0.14 -10.44
CA ASN B 57 20.79 -0.14 -11.37
C ASN B 57 21.96 -0.91 -10.75
N GLY B 58 22.54 -1.82 -11.51
CA GLY B 58 23.59 -2.67 -11.00
C GLY B 58 23.10 -4.00 -10.47
N LEU B 59 21.80 -4.21 -10.40
CA LEU B 59 21.25 -5.51 -10.02
C LEU B 59 19.87 -5.67 -10.67
N ARG B 60 19.81 -5.45 -11.99
CA ARG B 60 18.66 -5.82 -12.78
C ARG B 60 18.77 -7.24 -13.32
N SER B 61 19.92 -7.87 -13.11
CA SER B 61 20.17 -9.25 -13.52
C SER B 61 19.50 -10.15 -12.51
N ALA B 62 18.49 -10.90 -12.94
CA ALA B 62 17.80 -11.81 -12.04
C ALA B 62 18.67 -13.01 -11.74
N THR B 63 19.93 -12.74 -11.39
CA THR B 63 20.93 -13.73 -11.06
C THR B 63 20.71 -14.24 -9.64
N ARG B 64 21.43 -15.33 -9.32
CA ARG B 64 21.34 -15.92 -8.00
C ARG B 64 21.69 -14.94 -6.89
N GLU B 65 22.66 -14.06 -7.13
CA GLU B 65 23.14 -13.16 -6.08
C GLU B 65 22.22 -11.98 -5.80
N THR B 66 21.40 -11.55 -6.75
CA THR B 66 20.49 -10.45 -6.47
C THR B 66 19.36 -10.85 -5.53
N SER B 67 18.92 -12.11 -5.57
CA SER B 67 17.94 -12.58 -4.60
C SER B 67 18.48 -12.43 -3.19
N PHE B 68 19.71 -12.92 -2.98
CA PHE B 68 20.35 -12.82 -1.68
C PHE B 68 20.51 -11.37 -1.26
N VAL B 69 20.94 -10.50 -2.19
CA VAL B 69 21.09 -9.09 -1.87
C VAL B 69 19.78 -8.50 -1.37
N HIS B 70 18.68 -8.77 -2.08
CA HIS B 70 17.37 -8.27 -1.68
C HIS B 70 17.00 -8.77 -0.29
N ALA B 71 17.21 -10.08 -0.06
CA ALA B 71 16.88 -10.67 1.23
C ALA B 71 17.67 -10.02 2.34
N ILE B 72 18.99 -9.99 2.20
CA ILE B 72 19.87 -9.48 3.25
C ILE B 72 19.62 -8.00 3.52
N SER B 73 19.17 -7.25 2.51
CA SER B 73 18.88 -5.84 2.78
C SER B 73 17.56 -5.68 3.50
N SER B 74 16.55 -6.47 3.14
CA SER B 74 15.31 -6.44 3.89
C SER B 74 15.54 -6.86 5.35
N ALA B 75 16.30 -7.93 5.55
CA ALA B 75 16.63 -8.36 6.90
C ALA B 75 17.42 -7.32 7.67
N GLY B 76 18.32 -6.58 7.00
CA GLY B 76 19.09 -5.58 7.70
C GLY B 76 18.22 -4.42 8.15
N VAL B 77 17.35 -3.95 7.26
CA VAL B 77 16.46 -2.85 7.60
C VAL B 77 15.55 -3.26 8.75
N MET B 78 14.97 -4.46 8.64
CA MET B 78 14.07 -4.95 9.69
C MET B 78 14.79 -5.07 11.01
N TYR B 79 15.96 -5.72 11.01
CA TYR B 79 16.73 -5.87 12.25
C TYR B 79 17.01 -4.52 12.89
N THR B 80 17.51 -3.56 12.11
CA THR B 80 17.90 -2.28 12.69
C THR B 80 16.71 -1.54 13.25
N LEU B 81 15.59 -1.52 12.53
CA LEU B 81 14.44 -0.77 13.05
C LEU B 81 13.75 -1.49 14.19
N THR B 82 13.76 -2.83 14.18
CA THR B 82 13.27 -3.58 15.33
C THR B 82 14.09 -3.31 16.58
N ARG B 83 15.42 -3.21 16.43
CA ARG B 83 16.25 -2.89 17.58
C ARG B 83 16.12 -1.44 18.01
N ASN B 84 15.92 -0.52 17.06
CA ASN B 84 15.65 0.86 17.45
C ASN B 84 14.38 0.93 18.28
N CYS B 85 13.31 0.30 17.79
CA CYS B 85 12.04 0.25 18.52
C CYS B 85 12.24 -0.38 19.89
N SER B 86 12.90 -1.54 19.91
CA SER B 86 13.11 -2.30 21.15
C SER B 86 13.91 -1.50 22.19
N MET B 87 14.96 -0.80 21.77
CA MET B 87 15.67 0.08 22.68
C MET B 87 14.82 1.31 22.98
N GLY B 88 15.29 2.09 23.94
CA GLY B 88 14.50 3.22 24.40
C GLY B 88 14.51 4.44 23.52
N ASP B 89 15.30 4.43 22.44
CA ASP B 89 15.34 5.58 21.55
C ASP B 89 13.94 5.95 21.11
N PHE B 90 13.06 4.95 21.00
CA PHE B 90 11.66 5.16 20.70
C PHE B 90 10.78 4.57 21.79
N ASP B 91 10.99 5.01 23.04
CA ASP B 91 10.22 4.53 24.20
C ASP B 91 10.31 3.02 24.37
N ASN B 92 11.33 2.41 23.75
CA ASN B 92 11.48 0.97 23.82
C ASN B 92 10.26 0.32 23.22
N CYS B 93 9.29 1.13 22.78
CA CYS B 93 8.01 0.64 22.30
C CYS B 93 7.44 -0.35 23.29
N GLY B 94 7.95 -0.30 24.52
CA GLY B 94 7.37 -1.08 25.61
C GLY B 94 7.56 -2.54 25.23
N CYS B 95 8.38 -2.73 24.18
CA CYS B 95 8.83 -3.99 23.58
C CYS B 95 7.81 -5.10 23.58
N ASP B 96 8.27 -6.33 23.34
CA ASP B 96 7.38 -7.49 23.30
C ASP B 96 6.95 -7.80 24.73
N ASP B 97 5.95 -7.06 25.19
CA ASP B 97 5.43 -7.26 26.53
C ASP B 97 4.56 -8.51 26.63
N SER B 98 4.00 -8.98 25.53
CA SER B 98 3.27 -10.23 25.54
C SER B 98 4.17 -11.40 25.93
N ARG B 99 3.61 -12.36 26.65
CA ARG B 99 4.26 -13.57 27.14
C ARG B 99 5.25 -13.27 28.28
N ASN B 100 5.50 -12.01 28.56
CA ASN B 100 6.40 -11.65 29.64
C ASN B 100 5.79 -11.99 31.00
N GLY B 101 6.62 -12.49 31.92
CA GLY B 101 6.19 -12.85 33.24
C GLY B 101 5.79 -14.29 33.41
N ARG B 102 5.25 -14.90 32.35
CA ARG B 102 4.80 -16.29 32.41
C ARG B 102 5.95 -17.23 32.74
N ILE B 103 5.59 -18.49 32.96
CA ILE B 103 6.56 -19.55 33.22
C ILE B 103 6.71 -20.38 31.95
N GLY B 104 7.91 -20.38 31.39
CA GLY B 104 8.16 -21.01 30.11
C GLY B 104 8.67 -22.43 30.24
N GLY B 105 9.13 -22.80 31.43
CA GLY B 105 9.67 -24.13 31.63
C GLY B 105 10.05 -24.33 33.08
N ARG B 106 10.60 -25.52 33.35
CA ARG B 106 10.99 -25.90 34.70
C ARG B 106 12.15 -25.05 35.17
N GLY B 107 11.89 -24.14 36.11
CA GLY B 107 12.93 -23.33 36.70
C GLY B 107 13.34 -22.11 35.91
N TRP B 108 12.54 -21.68 34.94
CA TRP B 108 12.80 -20.42 34.27
C TRP B 108 11.48 -19.75 33.91
N VAL B 109 11.52 -18.42 33.82
CA VAL B 109 10.35 -17.63 33.49
C VAL B 109 10.71 -16.63 32.40
N TRP B 110 9.68 -16.18 31.69
CA TRP B 110 9.85 -15.16 30.67
C TRP B 110 10.04 -13.80 31.35
N GLY B 111 10.38 -12.80 30.56
CA GLY B 111 10.71 -11.51 31.14
C GLY B 111 11.63 -10.74 30.23
N GLY B 112 12.29 -9.73 30.82
CA GLY B 112 13.17 -8.81 30.12
C GLY B 112 12.38 -8.01 29.09
N CYS B 113 13.13 -7.34 28.23
CA CYS B 113 12.54 -6.56 27.14
C CYS B 113 12.87 -7.30 25.86
N SER B 114 11.97 -8.18 25.45
CA SER B 114 12.10 -8.88 24.19
C SER B 114 11.91 -7.89 23.05
N ASP B 115 12.76 -7.97 22.03
CA ASP B 115 12.72 -6.99 20.96
C ASP B 115 11.38 -7.05 20.25
N ASN B 116 10.83 -5.88 19.92
CA ASN B 116 9.54 -5.81 19.24
C ASN B 116 9.79 -6.00 17.75
N ALA B 117 10.04 -7.27 17.40
CA ALA B 117 10.37 -7.62 16.03
C ALA B 117 9.22 -7.31 15.08
N GLU B 118 7.98 -7.53 15.52
CA GLU B 118 6.85 -7.26 14.63
C GLU B 118 6.76 -5.78 14.28
N PHE B 119 7.26 -4.90 15.14
CA PHE B 119 7.32 -3.48 14.79
C PHE B 119 8.34 -3.23 13.70
N GLY B 120 9.55 -3.77 13.87
CA GLY B 120 10.57 -3.60 12.85
C GLY B 120 10.14 -4.18 11.53
N GLU B 121 9.50 -5.35 11.56
CA GLU B 121 8.98 -5.94 10.33
C GLU B 121 7.90 -5.07 9.70
N ARG B 122 7.02 -4.50 10.53
CA ARG B 122 5.96 -3.63 10.01
C ARG B 122 6.55 -2.44 9.24
N ILE B 123 7.49 -1.74 9.88
CA ILE B 123 8.10 -0.58 9.24
C ILE B 123 8.87 -1.00 8.00
N SER B 124 9.70 -2.04 8.13
CA SER B 124 10.50 -2.51 7.00
C SER B 124 9.62 -2.84 5.81
N LYS B 125 8.48 -3.50 6.05
CA LYS B 125 7.54 -3.76 4.96
C LYS B 125 7.03 -2.44 4.38
N LEU B 126 6.66 -1.50 5.24
CA LEU B 126 6.05 -0.26 4.80
C LEU B 126 6.96 0.48 3.84
N PHE B 127 8.25 0.55 4.16
CA PHE B 127 9.21 1.27 3.33
C PHE B 127 9.76 0.41 2.19
N VAL B 128 10.37 -0.72 2.53
CA VAL B 128 11.08 -1.54 1.55
C VAL B 128 10.13 -2.07 0.49
N ASP B 129 8.97 -2.62 0.89
CA ASP B 129 8.11 -3.12 -0.17
C ASP B 129 7.51 -1.97 -0.95
N GLY B 130 7.48 -0.77 -0.38
CA GLY B 130 7.01 0.37 -1.15
C GLY B 130 7.97 0.67 -2.29
N LEU B 131 9.27 0.72 -1.97
CA LEU B 131 10.29 1.01 -2.96
C LEU B 131 10.37 -0.02 -4.09
N GLU B 132 9.89 -1.25 -3.84
CA GLU B 132 9.88 -2.32 -4.85
C GLU B 132 8.75 -2.08 -5.86
N THR B 133 8.99 -1.14 -6.76
CA THR B 133 8.01 -0.81 -7.78
C THR B 133 8.11 -1.73 -8.99
N GLY B 134 6.98 -1.88 -9.68
CA GLY B 134 6.77 -2.75 -10.82
C GLY B 134 5.98 -3.99 -10.47
N GLN B 135 5.30 -4.54 -11.49
CA GLN B 135 4.48 -5.75 -11.34
C GLN B 135 5.05 -6.97 -12.06
N ASP B 136 6.23 -6.88 -12.67
CA ASP B 136 6.75 -8.00 -13.43
C ASP B 136 7.15 -9.16 -12.52
N ALA B 137 7.58 -10.25 -13.15
CA ALA B 137 7.94 -11.45 -12.41
C ALA B 137 9.16 -11.20 -11.55
N ARG B 138 10.08 -10.37 -12.05
CA ARG B 138 11.28 -10.04 -11.29
C ARG B 138 10.92 -9.29 -10.01
N ALA B 139 9.88 -8.46 -10.08
CA ALA B 139 9.49 -7.73 -8.88
C ALA B 139 8.88 -8.68 -7.86
N LEU B 140 8.22 -9.74 -8.33
CA LEU B 140 7.70 -10.74 -7.40
C LEU B 140 8.84 -11.55 -6.81
N MET B 141 9.85 -11.87 -7.63
CA MET B 141 11.04 -12.56 -7.14
C MET B 141 11.71 -11.74 -6.03
N ASN B 142 11.91 -10.45 -6.29
CA ASN B 142 12.55 -9.58 -5.30
C ASN B 142 11.69 -9.48 -4.05
N LEU B 143 10.37 -9.36 -4.21
CA LEU B 143 9.49 -9.35 -3.04
C LEU B 143 9.64 -10.64 -2.25
N HIS B 144 9.77 -11.77 -2.96
CA HIS B 144 9.94 -13.05 -2.27
C HIS B 144 11.22 -13.03 -1.46
N ASN B 145 12.33 -12.68 -2.10
CA ASN B 145 13.60 -12.67 -1.39
C ASN B 145 13.59 -11.68 -0.24
N ASN B 146 12.93 -10.53 -0.42
CA ASN B 146 12.77 -9.57 0.67
C ASN B 146 12.08 -10.20 1.88
N GLU B 147 10.94 -10.83 1.65
CA GLU B 147 10.24 -11.46 2.77
C GLU B 147 11.07 -12.60 3.33
N ALA B 148 11.83 -13.26 2.45
CA ALA B 148 12.71 -14.34 2.88
C ALA B 148 13.73 -13.82 3.88
N GLY B 149 14.28 -12.63 3.64
CA GLY B 149 15.24 -12.08 4.57
C GLY B 149 14.59 -11.53 5.81
N ARG B 150 13.39 -10.97 5.69
CA ARG B 150 12.70 -10.47 6.87
C ARG B 150 12.40 -11.62 7.81
N LEU B 151 11.93 -12.74 7.27
CA LEU B 151 11.64 -13.89 8.13
C LEU B 151 12.89 -14.68 8.50
N ALA B 152 13.99 -14.52 7.74
CA ALA B 152 15.26 -15.08 8.21
C ALA B 152 15.72 -14.35 9.46
N VAL B 153 15.54 -13.02 9.46
CA VAL B 153 15.88 -12.24 10.65
C VAL B 153 14.96 -12.62 11.80
N LYS B 154 13.69 -12.87 11.49
CA LYS B 154 12.73 -13.18 12.54
C LYS B 154 13.00 -14.55 13.13
N GLU B 155 13.06 -15.58 12.28
CA GLU B 155 13.30 -16.95 12.73
C GLU B 155 14.57 -17.06 13.56
N THR B 156 15.58 -16.23 13.29
CA THR B 156 16.85 -16.37 13.98
C THR B 156 16.79 -15.84 15.40
N MET B 157 15.69 -15.21 15.80
CA MET B 157 15.59 -14.71 17.16
C MET B 157 15.60 -15.87 18.14
N LYS B 158 16.35 -15.72 19.23
CA LYS B 158 16.55 -16.79 20.18
C LYS B 158 16.28 -16.31 21.59
N ARG B 159 15.87 -17.23 22.44
CA ARG B 159 15.63 -16.93 23.85
C ARG B 159 16.96 -16.82 24.56
N THR B 160 17.33 -15.61 24.96
CA THR B 160 18.50 -15.39 25.78
C THR B 160 18.06 -15.18 27.22
N CYS B 161 18.89 -15.63 28.16
CA CYS B 161 18.48 -15.70 29.54
C CYS B 161 19.58 -15.09 30.42
N LYS B 162 19.19 -14.71 31.63
CA LYS B 162 20.13 -14.41 32.70
C LYS B 162 19.75 -15.16 33.96
N CYS B 163 20.70 -15.91 34.53
CA CYS B 163 20.49 -16.71 35.72
C CYS B 163 20.57 -15.82 36.95
N HIS B 164 19.43 -15.63 37.62
CA HIS B 164 19.34 -14.81 38.83
C HIS B 164 18.94 -15.66 40.04
N GLY B 165 19.46 -16.88 40.10
CA GLY B 165 19.25 -17.73 41.25
C GLY B 165 20.16 -17.38 42.41
N ILE B 166 20.13 -18.26 43.43
CA ILE B 166 20.93 -18.07 44.63
C ILE B 166 22.41 -18.14 44.29
N SER B 167 23.11 -17.01 44.49
CA SER B 167 24.55 -16.86 44.30
C SER B 167 24.94 -16.93 42.82
N GLY B 168 23.98 -16.87 41.92
CA GLY B 168 24.21 -16.92 40.49
C GLY B 168 23.89 -18.25 39.84
N SER B 169 23.47 -19.26 40.61
CA SER B 169 23.10 -20.54 40.05
C SER B 169 21.99 -20.37 39.03
N CYS B 170 22.04 -21.16 37.95
CA CYS B 170 21.03 -21.06 36.91
C CYS B 170 19.76 -21.83 37.24
N SER B 171 19.58 -22.18 38.52
CA SER B 171 18.36 -22.84 38.97
C SER B 171 17.12 -22.05 38.59
N ILE B 172 17.09 -20.76 38.92
CA ILE B 172 16.07 -19.84 38.47
C ILE B 172 16.71 -18.76 37.61
N GLN B 173 16.02 -18.39 36.53
CA GLN B 173 16.56 -17.45 35.56
C GLN B 173 15.43 -16.72 34.87
N THR B 174 15.72 -15.49 34.43
CA THR B 174 14.77 -14.67 33.69
C THR B 174 15.18 -14.66 32.23
N CYS B 175 14.22 -14.91 31.33
CA CYS B 175 14.53 -15.03 29.93
C CYS B 175 13.78 -13.98 29.12
N TRP B 176 14.34 -13.67 27.96
CA TRP B 176 13.70 -12.78 26.99
C TRP B 176 14.09 -13.22 25.59
N LEU B 177 13.40 -12.69 24.60
CA LEU B 177 13.65 -13.05 23.21
C LEU B 177 14.53 -11.97 22.59
N GLN B 178 15.72 -12.36 22.14
CA GLN B 178 16.73 -11.44 21.64
C GLN B 178 17.05 -11.76 20.19
N LEU B 179 17.55 -10.76 19.49
CA LEU B 179 18.03 -10.97 18.12
C LEU B 179 19.28 -11.86 18.13
N ALA B 180 19.44 -12.62 17.06
CA ALA B 180 20.68 -13.35 16.86
C ALA B 180 21.79 -12.41 16.41
N GLU B 181 23.01 -12.95 16.37
CA GLU B 181 24.13 -12.20 15.86
C GLU B 181 24.03 -12.00 14.36
N PHE B 182 24.34 -10.78 13.91
CA PHE B 182 24.25 -10.44 12.50
C PHE B 182 25.14 -11.36 11.66
N ARG B 183 26.20 -11.90 12.26
CA ARG B 183 27.05 -12.86 11.59
C ARG B 183 26.29 -14.10 11.13
N ASP B 184 25.48 -14.68 12.02
CA ASP B 184 24.74 -15.88 11.61
C ASP B 184 23.76 -15.59 10.48
N ILE B 185 23.16 -14.40 10.47
CA ILE B 185 22.30 -14.03 9.35
C ILE B 185 23.13 -13.84 8.08
N GLY B 186 24.34 -13.28 8.23
CA GLY B 186 25.21 -13.14 7.07
C GLY B 186 25.60 -14.49 6.49
N ASN B 187 25.99 -15.42 7.35
CA ASN B 187 26.30 -16.77 6.90
C ASN B 187 25.10 -17.42 6.23
N HIS B 188 23.91 -17.16 6.76
CA HIS B 188 22.70 -17.76 6.18
C HIS B 188 22.47 -17.20 4.79
N LEU B 189 22.58 -15.89 4.62
CA LEU B 189 22.38 -15.30 3.31
C LEU B 189 23.52 -15.65 2.37
N LYS B 190 24.72 -15.89 2.91
CA LYS B 190 25.82 -16.38 2.10
C LYS B 190 25.47 -17.73 1.49
N ILE B 191 25.03 -18.68 2.32
CA ILE B 191 24.54 -19.94 1.82
C ILE B 191 23.43 -19.72 0.78
N LYS B 192 22.46 -18.88 1.12
CA LYS B 192 21.35 -18.62 0.21
C LYS B 192 21.82 -18.04 -1.12
N HIS B 193 22.96 -17.34 -1.13
CA HIS B 193 23.48 -16.86 -2.39
C HIS B 193 24.15 -18.00 -3.12
N ASP B 194 24.96 -18.77 -2.40
CA ASP B 194 25.64 -19.92 -2.98
C ASP B 194 24.62 -20.88 -3.57
N GLN B 195 23.43 -20.94 -2.96
CA GLN B 195 22.38 -21.88 -3.37
C GLN B 195 21.11 -21.17 -3.85
N ALA B 196 21.20 -19.91 -4.28
CA ALA B 196 20.02 -19.35 -4.94
C ALA B 196 19.71 -20.14 -6.21
N LEU B 197 18.48 -19.98 -6.71
CA LEU B 197 18.09 -20.72 -7.90
C LEU B 197 17.28 -19.88 -8.89
N LYS B 198 17.41 -20.26 -10.16
CA LYS B 198 16.82 -19.55 -11.28
C LYS B 198 15.34 -19.92 -11.35
N LEU B 199 14.53 -18.98 -11.82
CA LEU B 199 13.08 -19.17 -11.77
C LEU B 199 12.57 -20.01 -12.93
N GLU B 200 11.36 -19.71 -13.42
CA GLU B 200 10.73 -20.59 -14.41
C GLU B 200 11.56 -20.66 -15.69
N MET B 201 12.00 -19.51 -16.21
CA MET B 201 12.71 -19.48 -17.49
C MET B 201 11.92 -20.18 -18.59
N ASP B 202 10.60 -20.00 -18.60
CA ASP B 202 9.74 -20.75 -19.50
C ASP B 202 9.83 -20.18 -20.91
N LYS B 203 10.13 -21.06 -21.87
CA LYS B 203 10.17 -20.68 -23.28
C LYS B 203 8.79 -20.36 -23.85
N ARG B 204 7.75 -21.12 -23.48
CA ARG B 204 6.47 -20.93 -24.14
C ARG B 204 5.89 -19.54 -23.90
N LYS B 205 5.93 -19.07 -22.65
CA LYS B 205 5.34 -17.81 -22.25
C LYS B 205 4.06 -17.41 -22.99
N MET B 206 2.89 -17.95 -22.56
CA MET B 206 1.57 -17.67 -23.11
C MET B 206 1.52 -16.32 -23.81
N PRO B 207 1.24 -16.29 -25.12
CA PRO B 207 1.29 -15.04 -25.90
C PRO B 207 0.84 -13.77 -25.17
N SER B 208 1.78 -12.83 -25.01
CA SER B 208 1.52 -11.61 -24.26
C SER B 208 1.91 -10.35 -25.02
N THR B 209 1.77 -10.32 -26.35
CA THR B 209 2.05 -9.06 -27.04
C THR B 209 1.12 -7.96 -26.53
N ASN B 210 -0.15 -8.29 -26.36
CA ASN B 210 -1.13 -7.45 -25.69
C ASN B 210 -1.29 -8.06 -24.30
N SER B 211 -1.13 -7.24 -23.25
CA SER B 211 -1.09 -7.81 -21.90
C SER B 211 -2.35 -7.61 -21.06
N VAL B 212 -3.45 -7.15 -21.64
CA VAL B 212 -4.64 -6.91 -20.81
C VAL B 212 -5.17 -8.21 -20.23
N ASN B 213 -5.21 -9.28 -21.04
CA ASN B 213 -5.60 -10.61 -20.60
C ASN B 213 -4.42 -11.52 -20.31
N SER B 214 -3.35 -11.44 -21.11
CA SER B 214 -2.13 -12.14 -20.78
C SER B 214 -1.49 -11.46 -19.57
N ARG B 215 -0.30 -11.94 -19.19
CA ARG B 215 0.36 -11.43 -17.98
C ARG B 215 -0.52 -11.77 -16.77
N ARG B 216 -0.45 -10.92 -15.73
CA ARG B 216 -1.23 -11.01 -14.49
C ARG B 216 -1.82 -12.38 -14.19
N ALA B 217 -1.00 -13.42 -14.36
CA ALA B 217 -1.34 -14.81 -14.04
C ALA B 217 -0.08 -15.65 -14.20
N ILE B 218 0.79 -15.25 -15.14
CA ILE B 218 2.07 -15.92 -15.29
C ILE B 218 2.86 -15.89 -13.99
N ALA B 219 3.10 -14.68 -13.48
CA ALA B 219 3.83 -14.52 -12.23
C ALA B 219 3.08 -15.13 -11.06
N ASP B 220 1.76 -15.30 -11.19
CA ASP B 220 0.96 -15.92 -10.14
C ASP B 220 1.37 -17.36 -9.91
N ALA B 221 1.65 -18.10 -10.99
CA ALA B 221 2.02 -19.50 -10.85
C ALA B 221 3.49 -19.68 -10.51
N PHE B 222 4.31 -18.65 -10.75
CA PHE B 222 5.75 -18.72 -10.47
C PHE B 222 6.09 -18.22 -9.07
N SER B 223 5.12 -18.27 -8.15
CA SER B 223 5.27 -17.72 -6.82
C SER B 223 5.18 -18.81 -5.75
N SER B 224 5.39 -20.05 -6.13
CA SER B 224 5.43 -21.16 -5.17
C SER B 224 6.88 -21.48 -4.82
N VAL B 225 7.45 -20.59 -4.01
CA VAL B 225 8.87 -20.64 -3.66
C VAL B 225 8.98 -20.46 -2.15
N ALA B 226 9.91 -21.18 -1.55
CA ALA B 226 10.06 -21.19 -0.09
C ALA B 226 10.20 -19.78 0.44
N GLY B 227 9.29 -19.41 1.36
CA GLY B 227 9.40 -18.12 2.01
C GLY B 227 10.69 -17.90 2.77
N SER B 228 11.48 -18.96 2.97
CA SER B 228 12.83 -18.79 3.48
C SER B 228 13.82 -18.60 2.33
N GLU B 229 13.60 -19.33 1.24
CA GLU B 229 14.47 -19.29 0.08
C GLU B 229 14.35 -17.97 -0.67
N LEU B 230 15.44 -17.60 -1.34
CA LEU B 230 15.52 -16.42 -2.18
C LEU B 230 15.21 -16.83 -3.60
N ILE B 231 14.49 -15.97 -4.33
CA ILE B 231 14.06 -16.29 -5.69
C ILE B 231 14.83 -15.43 -6.68
N PHE B 232 15.32 -16.08 -7.73
CA PHE B 232 15.96 -15.44 -8.87
C PHE B 232 15.50 -16.14 -10.13
N LEU B 233 15.63 -15.45 -11.26
CA LEU B 233 15.09 -15.92 -12.52
C LEU B 233 16.16 -16.19 -13.56
N GLU B 234 17.04 -15.22 -13.79
CA GLU B 234 18.11 -15.35 -14.76
C GLU B 234 19.27 -16.11 -14.15
N ASP B 235 20.06 -16.75 -15.00
CA ASP B 235 21.27 -17.37 -14.52
C ASP B 235 22.28 -16.29 -14.17
N SER B 236 23.20 -16.62 -13.29
CA SER B 236 24.12 -15.58 -12.88
C SER B 236 25.25 -15.45 -13.89
N PRO B 237 25.64 -14.21 -14.21
CA PRO B 237 26.71 -14.01 -15.19
C PRO B 237 28.03 -14.57 -14.70
N ASP B 238 28.97 -14.64 -15.64
CA ASP B 238 30.35 -15.00 -15.31
C ASP B 238 31.01 -13.83 -14.59
N TYR B 239 31.36 -14.03 -13.33
CA TYR B 239 31.91 -12.94 -12.54
C TYR B 239 33.40 -12.73 -12.77
N CYS B 240 34.07 -13.63 -13.51
CA CYS B 240 35.43 -13.36 -13.94
C CYS B 240 35.49 -12.12 -14.85
N LEU B 241 34.48 -11.93 -15.68
CA LEU B 241 34.49 -10.89 -16.71
C LEU B 241 33.88 -9.57 -16.26
N LYS B 242 34.41 -8.48 -16.81
CA LYS B 242 33.86 -7.15 -16.61
C LYS B 242 32.71 -6.91 -17.59
N ASN B 243 31.59 -6.36 -17.09
CA ASN B 243 30.43 -6.05 -17.93
C ASN B 243 29.79 -4.77 -17.41
N ILE B 244 30.27 -3.63 -17.90
CA ILE B 244 29.86 -2.33 -17.40
C ILE B 244 28.36 -2.08 -17.54
N SER B 245 27.69 -2.80 -18.46
CA SER B 245 26.24 -2.67 -18.57
C SER B 245 25.52 -3.17 -17.32
N LEU B 246 26.13 -4.09 -16.57
CA LEU B 246 25.52 -4.70 -15.42
C LEU B 246 26.08 -4.17 -14.10
N GLY B 247 27.06 -3.28 -14.15
CA GLY B 247 27.69 -2.76 -12.95
C GLY B 247 28.71 -3.70 -12.36
N LEU B 248 29.19 -4.65 -13.16
CA LEU B 248 30.19 -5.62 -12.74
C LEU B 248 31.56 -5.13 -13.18
N GLN B 249 32.45 -4.92 -12.22
CA GLN B 249 33.73 -4.26 -12.47
C GLN B 249 34.84 -5.25 -12.79
N GLY B 250 34.51 -6.52 -13.00
CA GLY B 250 35.48 -7.54 -13.29
C GLY B 250 36.35 -7.91 -12.11
N THR B 251 37.13 -8.98 -12.26
CA THR B 251 37.89 -9.54 -11.16
C THR B 251 39.32 -9.01 -11.10
N GLU B 252 39.76 -8.21 -12.06
CA GLU B 252 41.13 -7.75 -12.04
C GLU B 252 41.33 -6.73 -10.93
N GLY B 253 42.45 -6.87 -10.20
CA GLY B 253 42.76 -5.92 -9.15
C GLY B 253 42.09 -6.17 -7.81
N ARG B 254 41.61 -7.38 -7.56
CA ARG B 254 40.89 -7.68 -6.33
C ARG B 254 41.77 -8.46 -5.38
N GLU B 255 41.80 -8.04 -4.11
CA GLU B 255 42.59 -8.74 -3.11
C GLU B 255 42.08 -10.17 -2.96
N CYS B 256 43.03 -11.10 -2.84
CA CYS B 256 42.76 -12.49 -2.54
C CYS B 256 43.68 -12.95 -1.42
N LEU B 257 43.40 -14.13 -0.87
CA LEU B 257 44.18 -14.64 0.24
C LEU B 257 44.94 -15.86 -0.27
N GLN B 258 46.26 -15.79 -0.18
CA GLN B 258 47.13 -16.88 -0.61
C GLN B 258 47.68 -17.58 0.63
N SER B 259 48.53 -16.91 1.37
CA SER B 259 49.14 -17.46 2.57
C SER B 259 48.32 -16.99 3.76
N GLY B 260 48.14 -17.89 4.72
CA GLY B 260 47.40 -17.56 5.92
C GLY B 260 47.42 -18.71 6.90
N LYS B 261 47.64 -18.43 8.18
CA LYS B 261 47.71 -19.50 9.17
C LYS B 261 46.37 -20.23 9.22
N ASN B 262 45.31 -19.53 9.54
CA ASN B 262 43.97 -20.11 9.61
C ASN B 262 43.10 -19.47 8.52
N LEU B 263 43.32 -19.85 7.27
CA LEU B 263 42.48 -19.39 6.17
C LEU B 263 41.65 -20.55 5.65
N SER B 264 40.37 -20.27 5.40
CA SER B 264 39.49 -21.27 4.78
C SER B 264 40.05 -21.73 3.45
N GLN B 265 39.90 -23.04 3.18
CA GLN B 265 40.27 -23.57 1.87
C GLN B 265 39.61 -22.77 0.75
N TRP B 266 38.40 -22.27 0.99
CA TRP B 266 37.82 -21.32 0.04
C TRP B 266 38.70 -20.10 -0.07
N GLU B 267 39.06 -19.49 1.05
CA GLU B 267 39.89 -18.29 1.02
C GLU B 267 41.29 -18.58 0.50
N ARG B 268 41.87 -19.72 0.90
CA ARG B 268 43.20 -20.05 0.36
C ARG B 268 43.13 -20.30 -1.13
N ARG B 269 42.04 -20.89 -1.61
CA ARG B 269 41.93 -21.15 -3.03
C ARG B 269 41.45 -19.91 -3.76
N SER B 270 40.99 -18.91 -2.99
CA SER B 270 40.42 -17.69 -3.55
C SER B 270 41.38 -17.02 -4.50
N CYS B 271 42.68 -17.14 -4.24
CA CYS B 271 43.66 -16.51 -5.10
C CYS B 271 43.69 -17.16 -6.47
N LYS B 272 43.63 -18.49 -6.51
CA LYS B 272 43.55 -19.16 -7.80
C LYS B 272 42.19 -18.96 -8.45
N ARG B 273 41.13 -18.91 -7.64
CA ARG B 273 39.77 -18.80 -8.19
C ARG B 273 39.52 -17.44 -8.80
N LEU B 274 39.89 -16.37 -8.09
CA LEU B 274 39.68 -15.03 -8.61
C LEU B 274 40.77 -14.67 -9.61
N CYS B 275 42.01 -15.03 -9.31
CA CYS B 275 43.11 -14.58 -10.15
C CYS B 275 43.42 -15.70 -11.14
N THR B 276 44.04 -16.79 -10.67
CA THR B 276 44.59 -17.77 -11.59
C THR B 276 43.51 -18.41 -12.46
N ASP B 277 42.36 -18.75 -11.87
CA ASP B 277 41.26 -19.28 -12.66
C ASP B 277 40.68 -18.27 -13.63
N CYS B 278 40.99 -17.00 -13.49
CA CYS B 278 40.48 -16.00 -14.42
C CYS B 278 41.52 -15.50 -15.41
N GLY B 279 42.74 -16.06 -15.42
CA GLY B 279 43.78 -15.64 -16.35
C GLY B 279 44.77 -14.60 -15.83
N LEU B 280 44.37 -13.75 -14.89
CA LEU B 280 45.21 -12.66 -14.38
C LEU B 280 46.37 -13.18 -13.53
N ARG B 281 47.34 -12.29 -13.29
CA ARG B 281 48.57 -12.63 -12.58
C ARG B 281 48.48 -12.14 -11.14
N VAL B 282 49.37 -12.66 -10.30
CA VAL B 282 49.36 -12.32 -8.88
C VAL B 282 50.50 -11.38 -8.54
N GLU B 283 50.16 -10.17 -8.13
CA GLU B 283 51.12 -9.15 -7.73
C GLU B 283 50.98 -8.95 -6.22
N GLU B 284 52.09 -8.63 -5.55
CA GLU B 284 52.08 -8.57 -4.09
C GLU B 284 52.28 -7.14 -3.58
N LYS B 285 52.41 -7.00 -2.27
CA LYS B 285 52.64 -5.71 -1.61
C LYS B 285 53.87 -5.80 -0.73
N LYS B 286 54.76 -4.81 -0.87
CA LYS B 286 56.00 -4.80 -0.09
C LYS B 286 55.73 -4.68 1.41
N THR B 287 54.89 -3.73 1.80
CA THR B 287 54.68 -3.40 3.21
C THR B 287 54.15 -4.60 4.01
N GLU B 288 54.23 -4.47 5.34
CA GLU B 288 53.73 -5.47 6.26
C GLU B 288 52.95 -4.78 7.38
N ILE B 289 51.98 -5.50 7.95
CA ILE B 289 51.07 -4.95 8.94
C ILE B 289 51.70 -4.93 10.33
N ILE B 290 50.89 -4.59 11.34
CA ILE B 290 51.36 -4.53 12.73
C ILE B 290 50.25 -5.02 13.65
N SER B 291 50.66 -5.67 14.73
CA SER B 291 49.75 -6.25 15.71
C SER B 291 50.33 -6.05 17.10
N SER B 292 49.61 -5.38 17.98
CA SER B 292 50.16 -5.04 19.29
C SER B 292 50.76 -6.27 19.97
N CYS B 293 51.96 -6.12 20.50
CA CYS B 293 52.65 -7.18 21.23
C CYS B 293 53.70 -6.55 22.13
N ASN B 294 54.19 -7.35 23.09
CA ASN B 294 55.14 -6.94 24.12
C ASN B 294 54.43 -6.26 25.28
N CYS B 295 53.13 -6.51 25.43
CA CYS B 295 52.35 -5.91 26.50
C CYS B 295 52.91 -6.27 27.87
N LYS B 296 52.93 -5.28 28.76
CA LYS B 296 53.44 -5.45 30.13
C LYS B 296 52.43 -4.86 31.11
N PHE B 297 51.38 -5.62 31.44
CA PHE B 297 50.35 -5.15 32.35
C PHE B 297 50.97 -4.86 33.71
N HIS B 298 51.34 -3.60 33.95
CA HIS B 298 51.89 -3.18 35.24
C HIS B 298 51.05 -3.71 36.39
N TRP B 299 51.70 -3.93 37.53
CA TRP B 299 51.02 -4.48 38.70
C TRP B 299 49.99 -3.48 39.21
N CYS B 300 48.73 -3.94 39.25
CA CYS B 300 47.55 -3.21 39.70
C CYS B 300 47.11 -2.15 38.71
N CYS B 301 45.80 -1.85 38.70
CA CYS B 301 45.25 -0.62 38.17
C CYS B 301 45.58 -0.27 36.72
N THR B 302 46.81 -0.48 36.28
CA THR B 302 47.24 -0.05 34.96
C THR B 302 47.43 -1.22 33.99
N VAL B 303 46.86 -1.09 32.80
CA VAL B 303 47.08 -2.05 31.71
C VAL B 303 47.77 -1.30 30.60
N LYS B 304 49.01 -1.71 30.28
CA LYS B 304 49.76 -1.05 29.20
C LYS B 304 50.27 -2.11 28.24
N CYS B 305 49.94 -1.95 26.95
CA CYS B 305 50.31 -2.95 25.96
C CYS B 305 51.09 -2.34 24.80
N GLU B 306 52.25 -2.94 24.49
CA GLU B 306 53.14 -2.51 23.42
C GLU B 306 52.66 -3.06 22.07
N GLN B 307 53.33 -2.64 21.00
CA GLN B 307 52.99 -3.05 19.64
C GLN B 307 54.08 -3.92 19.02
N CYS B 308 53.70 -4.79 18.10
CA CYS B 308 54.57 -5.66 17.31
C CYS B 308 54.28 -5.45 15.83
N LYS B 309 55.06 -6.11 14.98
CA LYS B 309 54.92 -5.99 13.54
C LYS B 309 54.95 -7.37 12.90
N GLN B 310 54.17 -7.55 11.83
CA GLN B 310 54.05 -8.86 11.22
C GLN B 310 53.78 -8.68 9.73
N VAL B 311 53.93 -9.76 8.97
CA VAL B 311 53.75 -9.71 7.52
C VAL B 311 52.37 -10.24 7.19
N VAL B 312 51.56 -9.44 6.49
CA VAL B 312 50.26 -9.89 6.02
C VAL B 312 50.47 -10.62 4.71
N ILE B 313 49.45 -11.32 4.22
CA ILE B 313 49.58 -12.07 2.97
C ILE B 313 48.33 -11.81 2.14
N LYS B 314 48.51 -11.83 0.83
CA LYS B 314 47.46 -11.55 -0.15
C LYS B 314 48.06 -11.52 -1.55
N HIS B 315 47.21 -11.50 -2.57
CA HIS B 315 47.68 -11.38 -3.94
C HIS B 315 46.66 -10.62 -4.76
N PHE B 316 47.13 -9.94 -5.80
CA PHE B 316 46.32 -9.06 -6.62
C PHE B 316 46.30 -9.60 -8.04
N CYS B 317 45.11 -9.94 -8.54
CA CYS B 317 44.96 -10.42 -9.91
C CYS B 317 45.43 -9.41 -10.97
N ALA B 318 46.58 -8.79 -10.74
CA ALA B 318 47.17 -7.87 -11.69
C ALA B 318 47.25 -8.51 -13.07
N PRO C 4 -23.41 27.04 27.11
CA PRO C 4 -22.95 26.51 25.81
C PRO C 4 -22.35 25.13 25.94
N LEU C 5 -22.93 24.19 25.21
CA LEU C 5 -22.39 22.85 25.16
C LEU C 5 -21.48 22.71 23.95
N LEU C 6 -20.38 21.97 24.13
CA LEU C 6 -19.36 21.85 23.11
C LEU C 6 -19.27 20.39 22.67
N LEU C 7 -19.62 20.15 21.41
CA LEU C 7 -19.64 18.82 20.83
C LEU C 7 -18.40 18.64 19.98
N TYR C 8 -17.58 17.64 20.32
CA TYR C 8 -16.31 17.45 19.65
C TYR C 8 -16.17 16.01 19.19
N ALA C 9 -15.69 15.84 17.97
CA ALA C 9 -15.37 14.52 17.42
C ALA C 9 -14.11 14.00 18.08
N ASN C 10 -14.25 12.97 18.92
CA ASN C 10 -13.07 12.38 19.55
C ASN C 10 -12.29 11.61 18.49
N ARG C 11 -12.71 10.38 18.21
CA ARG C 11 -12.20 9.56 17.11
C ARG C 11 -12.95 8.24 17.13
N ARG C 12 -13.22 7.74 18.32
CA ARG C 12 -14.06 6.58 18.53
C ARG C 12 -15.34 6.96 19.25
N ASP C 13 -15.49 8.24 19.58
CA ASP C 13 -16.52 8.71 20.49
C ASP C 13 -17.05 10.03 19.96
N LEU C 14 -18.26 10.38 20.39
CA LEU C 14 -18.86 11.68 20.14
C LEU C 14 -19.59 12.11 21.40
N ARG C 15 -19.28 13.30 21.89
CA ARG C 15 -19.73 13.64 23.23
C ARG C 15 -19.82 15.15 23.36
N LEU C 16 -20.54 15.57 24.40
CA LEU C 16 -20.82 16.96 24.70
C LEU C 16 -20.10 17.37 25.97
N VAL C 17 -19.62 18.62 25.97
CA VAL C 17 -19.07 19.23 27.18
C VAL C 17 -19.98 20.40 27.52
N ASP C 18 -19.86 20.88 28.75
CA ASP C 18 -20.83 21.83 29.29
C ASP C 18 -20.09 23.09 29.69
N ALA C 19 -20.23 23.54 30.93
CA ALA C 19 -19.51 24.72 31.41
C ALA C 19 -19.04 24.49 32.83
N THR C 20 -18.45 23.32 33.07
CA THR C 20 -17.89 23.00 34.38
C THR C 20 -16.49 22.41 34.23
N VAL C 30 -22.55 8.27 22.35
CA VAL C 30 -22.29 7.43 21.19
C VAL C 30 -20.82 7.01 21.17
N GLY C 31 -20.61 5.69 21.16
CA GLY C 31 -19.29 5.12 21.18
C GLY C 31 -19.23 3.92 20.26
N GLY C 32 -18.04 3.34 20.14
CA GLY C 32 -17.89 2.21 19.26
C GLY C 32 -17.82 2.56 17.79
N LEU C 33 -16.86 3.39 17.42
CA LEU C 33 -16.64 3.78 16.04
C LEU C 33 -15.14 3.89 15.81
N GLU C 34 -14.75 3.84 14.54
CA GLU C 34 -13.34 3.81 14.16
C GLU C 34 -13.01 5.02 13.29
N ASP C 35 -12.44 6.06 13.91
CA ASP C 35 -11.99 7.24 13.21
C ASP C 35 -13.19 8.09 12.78
N ALA C 36 -13.82 8.77 13.72
CA ALA C 36 -14.84 9.74 13.34
C ALA C 36 -14.14 11.02 12.94
N ALA C 37 -14.59 11.63 11.84
CA ALA C 37 -13.93 12.84 11.36
C ALA C 37 -14.81 14.08 11.35
N ALA C 38 -16.13 13.94 11.38
CA ALA C 38 -16.98 15.11 11.20
C ALA C 38 -18.24 14.91 12.02
N VAL C 39 -18.90 16.03 12.30
CA VAL C 39 -20.15 16.02 13.04
C VAL C 39 -20.90 17.31 12.74
N ASP C 40 -22.23 17.21 12.72
CA ASP C 40 -23.11 18.37 12.66
C ASP C 40 -24.45 17.96 13.27
N PHE C 41 -25.41 18.87 13.21
CA PHE C 41 -26.69 18.65 13.89
C PHE C 41 -27.76 19.48 13.22
N VAL C 42 -29.00 19.03 13.41
CA VAL C 42 -30.18 19.80 13.11
C VAL C 42 -30.96 19.86 14.41
N PHE C 43 -30.76 20.95 15.16
CA PHE C 43 -31.28 21.04 16.52
C PHE C 43 -32.79 20.95 16.52
N SER C 44 -33.44 21.60 15.55
CA SER C 44 -34.89 21.61 15.48
C SER C 44 -35.44 20.18 15.43
N HIS C 45 -34.84 19.32 14.62
CA HIS C 45 -35.27 17.93 14.53
C HIS C 45 -34.54 17.04 15.52
N GLY C 46 -33.57 17.58 16.25
CA GLY C 46 -32.84 16.79 17.20
C GLY C 46 -31.97 15.75 16.51
N LEU C 47 -31.39 16.10 15.38
CA LEU C 47 -30.59 15.16 14.60
C LEU C 47 -29.11 15.48 14.74
N ILE C 48 -28.30 14.45 14.62
CA ILE C 48 -26.85 14.56 14.66
C ILE C 48 -26.29 13.68 13.55
N TYR C 49 -25.53 14.28 12.65
CA TYR C 49 -24.93 13.57 11.52
C TYR C 49 -23.43 13.55 11.73
N TRP C 50 -22.78 12.43 11.44
CA TRP C 50 -21.33 12.44 11.56
C TRP C 50 -20.70 11.69 10.40
N SER C 51 -19.43 11.98 10.17
CA SER C 51 -18.65 11.41 9.10
C SER C 51 -17.52 10.55 9.65
N ASP C 52 -17.30 9.41 9.01
CA ASP C 52 -16.21 8.50 9.32
C ASP C 52 -15.30 8.48 8.10
N VAL C 53 -14.05 8.87 8.30
CA VAL C 53 -13.06 8.92 7.25
C VAL C 53 -12.47 7.55 7.01
N SER C 54 -12.48 6.69 8.03
CA SER C 54 -11.98 5.34 7.85
C SER C 54 -13.11 4.46 7.32
N GLU C 55 -14.30 4.59 7.90
CA GLU C 55 -15.43 3.82 7.41
C GLU C 55 -15.91 4.34 6.06
N GLU C 56 -15.45 5.52 5.65
CA GLU C 56 -15.83 6.12 4.37
C GLU C 56 -17.33 6.31 4.29
N ALA C 57 -17.91 6.94 5.30
CA ALA C 57 -19.36 7.01 5.40
C ALA C 57 -19.79 8.28 6.13
N ILE C 58 -21.07 8.61 5.95
CA ILE C 58 -21.75 9.63 6.76
C ILE C 58 -23.04 9.00 7.27
N LYS C 59 -23.24 9.02 8.58
CA LYS C 59 -24.40 8.45 9.24
C LYS C 59 -25.14 9.52 10.04
N ARG C 60 -26.33 9.15 10.52
CA ARG C 60 -27.15 10.05 11.31
C ARG C 60 -27.76 9.30 12.49
N THR C 61 -28.11 10.07 13.52
CA THR C 61 -28.78 9.58 14.72
C THR C 61 -29.64 10.72 15.25
N GLU C 62 -30.66 10.38 16.02
CA GLU C 62 -31.51 11.43 16.55
C GLU C 62 -31.03 11.82 17.94
N PHE C 63 -31.69 12.82 18.54
CA PHE C 63 -31.29 13.32 19.86
C PHE C 63 -31.84 12.42 20.96
N VAL C 69 -28.78 4.88 15.30
CA VAL C 69 -27.89 5.08 14.17
C VAL C 69 -28.67 4.99 12.87
N GLN C 70 -28.22 5.72 11.84
CA GLN C 70 -28.89 5.73 10.56
C GLN C 70 -27.89 6.12 9.48
N ASN C 71 -27.85 5.32 8.42
CA ASN C 71 -26.97 5.62 7.29
C ASN C 71 -27.49 6.84 6.51
N VAL C 72 -26.59 7.75 6.19
CA VAL C 72 -26.90 9.00 5.51
C VAL C 72 -26.17 9.13 4.18
N VAL C 73 -24.84 8.99 4.21
CA VAL C 73 -24.03 8.94 3.00
C VAL C 73 -23.04 7.80 3.16
N VAL C 74 -23.20 6.75 2.35
CA VAL C 74 -22.29 5.61 2.37
C VAL C 74 -21.79 5.24 0.98
N SER C 75 -22.47 5.68 -0.07
CA SER C 75 -22.27 5.26 -1.45
C SER C 75 -20.93 5.66 -2.05
N GLY C 76 -19.91 5.86 -1.23
CA GLY C 76 -18.59 5.95 -1.83
C GLY C 76 -17.77 7.16 -1.48
N LEU C 77 -17.22 7.19 -0.27
CA LEU C 77 -16.22 8.19 0.10
C LEU C 77 -14.86 7.55 0.20
N LEU C 78 -13.84 8.40 0.23
CA LEU C 78 -12.47 7.94 0.36
C LEU C 78 -11.77 8.62 1.52
N SER C 79 -12.16 9.86 1.82
CA SER C 79 -11.70 10.59 3.00
C SER C 79 -12.56 11.84 3.14
N PRO C 80 -13.75 11.71 3.71
CA PRO C 80 -14.66 12.84 3.83
C PRO C 80 -14.47 13.65 5.10
N ASP C 81 -13.99 14.89 4.96
CA ASP C 81 -13.64 15.68 6.14
C ASP C 81 -14.61 16.80 6.46
N GLY C 82 -15.35 17.33 5.50
CA GLY C 82 -16.39 18.32 5.75
C GLY C 82 -17.80 17.77 5.73
N LEU C 83 -18.65 18.33 6.59
CA LEU C 83 -20.00 17.79 6.81
C LEU C 83 -20.83 18.87 7.49
N ALA C 84 -21.85 19.37 6.80
CA ALA C 84 -22.70 20.42 7.36
C ALA C 84 -24.15 20.17 6.97
N CYS C 85 -25.05 20.33 7.93
CA CYS C 85 -26.47 20.05 7.73
C CYS C 85 -27.17 21.37 7.43
N ASP C 86 -27.79 21.45 6.26
CA ASP C 86 -28.66 22.58 5.87
C ASP C 86 -30.03 22.40 6.49
N TRP C 87 -30.42 23.31 7.39
CA TRP C 87 -31.70 23.20 8.08
C TRP C 87 -32.82 23.95 7.37
N LEU C 88 -32.51 24.77 6.37
CA LEU C 88 -33.54 25.57 5.72
C LEU C 88 -34.03 24.91 4.45
N GLY C 89 -33.13 24.30 3.69
CA GLY C 89 -33.44 23.54 2.49
C GLY C 89 -33.40 22.05 2.70
N GLU C 90 -33.01 21.61 3.90
CA GLU C 90 -32.97 20.20 4.30
C GLU C 90 -32.13 19.37 3.34
N LYS C 91 -30.82 19.66 3.37
CA LYS C 91 -29.86 19.05 2.48
C LYS C 91 -28.55 18.83 3.21
N LEU C 92 -27.81 17.81 2.79
CA LEU C 92 -26.54 17.44 3.40
C LEU C 92 -25.43 17.58 2.37
N TYR C 93 -24.42 18.39 2.70
CA TYR C 93 -23.28 18.68 1.84
C TYR C 93 -22.04 18.04 2.45
N TRP C 94 -21.16 17.47 1.62
CA TRP C 94 -19.92 16.93 2.14
C TRP C 94 -18.79 17.04 1.14
N THR C 95 -17.56 16.97 1.65
CA THR C 95 -16.33 16.98 0.87
C THR C 95 -15.51 15.74 1.22
N ASP C 96 -14.90 15.10 0.21
CA ASP C 96 -14.06 13.91 0.40
C ASP C 96 -12.61 14.23 0.04
N SER C 97 -11.76 14.39 1.06
CA SER C 97 -10.40 14.87 0.80
C SER C 97 -9.58 13.90 -0.04
N GLU C 98 -9.95 12.62 -0.09
CA GLU C 98 -9.16 11.68 -0.85
C GLU C 98 -9.59 11.65 -2.32
N THR C 99 -10.89 11.57 -2.57
CA THR C 99 -11.41 11.46 -3.93
C THR C 99 -11.52 12.81 -4.64
N ASN C 100 -11.26 13.91 -3.94
CA ASN C 100 -11.25 15.25 -4.53
C ASN C 100 -12.61 15.62 -5.15
N ARG C 101 -13.64 15.68 -4.30
CA ARG C 101 -14.98 16.00 -4.79
C ARG C 101 -15.89 16.33 -3.61
N ILE C 102 -16.86 17.21 -3.88
CA ILE C 102 -17.90 17.59 -2.95
C ILE C 102 -19.25 17.18 -3.53
N GLU C 103 -20.11 16.63 -2.68
CA GLU C 103 -21.39 16.07 -3.09
C GLU C 103 -22.49 16.65 -2.21
N VAL C 104 -23.71 16.66 -2.75
CA VAL C 104 -24.92 17.03 -1.99
C VAL C 104 -25.93 15.90 -2.04
N SER C 105 -26.88 15.97 -1.11
CA SER C 105 -27.97 14.98 -1.04
C SER C 105 -29.11 15.56 -0.21
N ASN C 106 -30.28 14.94 -0.32
CA ASN C 106 -31.38 15.23 0.59
C ASN C 106 -31.00 14.86 2.02
N LEU C 107 -31.87 15.25 2.97
CA LEU C 107 -31.58 15.10 4.38
C LEU C 107 -31.47 13.64 4.81
N ASP C 108 -32.09 12.73 4.07
CA ASP C 108 -32.10 11.32 4.41
C ASP C 108 -31.16 10.52 3.52
N GLY C 109 -30.46 11.18 2.61
CA GLY C 109 -29.45 10.57 1.76
C GLY C 109 -29.87 10.45 0.32
N SER C 110 -31.18 10.53 0.05
CA SER C 110 -31.72 10.36 -1.29
C SER C 110 -31.30 11.52 -2.20
N LEU C 111 -31.39 11.26 -3.50
CA LEU C 111 -31.14 12.29 -4.52
C LEU C 111 -29.72 12.85 -4.42
N ARG C 112 -28.74 11.97 -4.20
CA ARG C 112 -27.38 12.42 -3.94
C ARG C 112 -26.77 12.99 -5.22
N LYS C 113 -26.13 14.14 -5.11
CA LYS C 113 -25.60 14.86 -6.25
C LYS C 113 -24.19 15.35 -5.95
N VAL C 114 -23.26 15.10 -6.87
CA VAL C 114 -21.89 15.60 -6.73
C VAL C 114 -21.89 17.04 -7.25
N LEU C 115 -21.70 17.99 -6.34
CA LEU C 115 -21.70 19.40 -6.73
C LEU C 115 -20.38 19.82 -7.37
N PHE C 116 -19.24 19.41 -6.82
CA PHE C 116 -17.97 19.73 -7.46
C PHE C 116 -17.07 18.50 -7.43
N TRP C 117 -16.05 18.53 -8.30
CA TRP C 117 -15.14 17.40 -8.48
C TRP C 117 -13.84 17.85 -9.13
N GLN C 118 -13.94 18.87 -9.99
CA GLN C 118 -12.80 19.44 -10.68
C GLN C 118 -12.06 20.44 -9.79
N GLU C 119 -10.75 20.57 -10.06
CA GLU C 119 -9.88 21.53 -9.40
C GLU C 119 -10.02 21.45 -7.87
N LEU C 120 -10.03 20.22 -7.36
CA LEU C 120 -10.13 19.95 -5.94
C LEU C 120 -8.94 19.08 -5.56
N ASP C 121 -8.16 19.53 -4.59
CA ASP C 121 -6.97 18.77 -4.16
C ASP C 121 -7.34 17.74 -3.10
N GLN C 122 -7.52 18.20 -1.86
CA GLN C 122 -7.89 17.33 -0.75
C GLN C 122 -8.97 18.03 0.07
N PRO C 123 -10.18 18.19 -0.51
CA PRO C 123 -11.26 18.90 0.19
C PRO C 123 -11.54 18.41 1.60
N ARG C 124 -11.35 19.27 2.59
CA ARG C 124 -11.53 18.84 3.96
C ARG C 124 -12.84 19.41 4.46
N ALA C 125 -12.77 20.45 5.28
CA ALA C 125 -13.94 20.94 5.97
C ALA C 125 -14.85 21.67 5.00
N ILE C 126 -16.16 21.58 5.24
CA ILE C 126 -17.15 22.24 4.41
C ILE C 126 -18.11 22.96 5.33
N ALA C 127 -18.70 24.05 4.85
CA ALA C 127 -19.70 24.76 5.62
C ALA C 127 -20.72 25.41 4.71
N LEU C 128 -21.95 25.50 5.20
CA LEU C 128 -23.11 25.96 4.46
C LEU C 128 -23.74 27.16 5.17
N ASP C 129 -24.51 27.94 4.42
CA ASP C 129 -25.09 29.19 4.93
C ASP C 129 -26.46 29.36 4.31
N PRO C 130 -27.47 28.69 4.88
CA PRO C 130 -28.79 28.64 4.20
C PRO C 130 -29.42 30.01 4.01
N SER C 131 -29.55 30.79 5.07
CA SER C 131 -30.06 32.16 4.97
C SER C 131 -29.45 32.95 3.81
N SER C 132 -28.13 32.85 3.63
CA SER C 132 -27.47 33.50 2.51
C SER C 132 -27.48 32.64 1.26
N GLY C 133 -27.52 31.33 1.43
CA GLY C 133 -27.53 30.35 0.36
C GLY C 133 -26.15 30.23 -0.25
N PHE C 134 -25.16 30.06 0.62
CA PHE C 134 -23.78 29.86 0.24
C PHE C 134 -23.23 28.65 0.96
N MET C 135 -22.28 27.95 0.32
CA MET C 135 -21.55 26.92 1.01
C MET C 135 -20.09 27.36 1.02
N TYR C 136 -19.31 26.77 1.92
CA TYR C 136 -17.90 27.06 2.04
C TYR C 136 -17.13 25.80 2.33
N TRP C 137 -15.89 25.75 1.83
CA TRP C 137 -15.02 24.63 2.14
C TRP C 137 -13.57 25.03 1.89
N THR C 138 -12.66 24.21 2.42
CA THR C 138 -11.24 24.47 2.38
C THR C 138 -10.52 23.43 1.52
N ASP C 139 -9.41 23.86 0.94
CA ASP C 139 -8.49 22.98 0.22
C ASP C 139 -7.16 22.99 0.97
N TRP C 140 -6.60 21.80 1.18
CA TRP C 140 -5.37 21.58 1.94
C TRP C 140 -4.24 21.08 1.05
N GLY C 141 -4.29 21.43 -0.23
CA GLY C 141 -3.32 21.00 -1.21
C GLY C 141 -2.08 21.86 -1.22
N GLU C 142 -1.36 21.80 -2.35
CA GLU C 142 -0.22 22.69 -2.56
C GLU C 142 -0.66 24.15 -2.62
N VAL C 143 -1.89 24.41 -3.03
CA VAL C 143 -2.45 25.75 -2.97
C VAL C 143 -3.62 25.69 -1.98
N PRO C 144 -3.36 25.76 -0.67
CA PRO C 144 -4.47 25.74 0.28
C PRO C 144 -5.28 27.00 0.16
N LYS C 145 -6.60 26.87 0.34
CA LYS C 145 -7.46 28.02 0.16
C LYS C 145 -8.77 27.80 0.89
N ILE C 146 -9.47 28.88 1.13
CA ILE C 146 -10.86 28.83 1.56
C ILE C 146 -11.67 29.36 0.39
N GLU C 147 -12.65 28.57 -0.05
CA GLU C 147 -13.50 28.98 -1.15
C GLU C 147 -14.96 28.70 -0.83
N ARG C 148 -15.81 29.57 -1.35
CA ARG C 148 -17.25 29.45 -1.25
C ARG C 148 -17.85 29.23 -2.63
N ALA C 149 -19.07 28.69 -2.63
CA ALA C 149 -19.86 28.59 -3.84
C ALA C 149 -21.32 28.63 -3.47
N GLY C 150 -22.19 28.57 -4.47
CA GLY C 150 -23.61 28.51 -4.20
C GLY C 150 -24.00 27.14 -3.67
N MET C 151 -25.01 27.12 -2.80
CA MET C 151 -25.50 25.87 -2.23
C MET C 151 -25.95 24.88 -3.29
N ASP C 152 -26.01 25.31 -4.56
CA ASP C 152 -26.35 24.46 -5.69
C ASP C 152 -25.13 24.16 -6.55
N GLY C 153 -23.95 24.49 -6.06
CA GLY C 153 -22.73 24.26 -6.79
C GLY C 153 -22.48 25.28 -7.87
N SER C 154 -23.12 26.44 -7.77
CA SER C 154 -22.89 27.52 -8.72
C SER C 154 -21.63 28.28 -8.36
N SER C 155 -20.95 28.79 -9.40
CA SER C 155 -19.86 29.75 -9.28
C SER C 155 -18.88 29.45 -8.16
N ARG C 156 -18.06 28.41 -8.33
CA ARG C 156 -16.99 28.13 -7.37
C ARG C 156 -16.04 29.32 -7.34
N PHE C 157 -15.91 29.93 -6.17
CA PHE C 157 -15.08 31.13 -6.00
C PHE C 157 -14.11 30.93 -4.84
N ILE C 158 -12.82 31.05 -5.13
CA ILE C 158 -11.77 31.05 -4.12
C ILE C 158 -11.73 32.42 -3.46
N ILE C 159 -11.92 32.45 -2.15
CA ILE C 159 -11.93 33.71 -1.41
C ILE C 159 -10.59 33.98 -0.73
N ILE C 160 -10.04 33.02 0.02
CA ILE C 160 -8.76 33.24 0.69
C ILE C 160 -7.72 32.30 0.10
N ASN C 161 -6.68 32.89 -0.50
CA ASN C 161 -5.56 32.15 -1.09
C ASN C 161 -4.21 32.62 -0.59
N SER C 162 -4.14 33.88 -0.16
CA SER C 162 -2.92 34.55 0.29
C SER C 162 -2.52 34.22 1.72
N GLU C 163 -1.38 33.55 1.87
CA GLU C 163 -0.76 33.21 3.16
C GLU C 163 -1.65 32.35 4.06
N ILE C 164 -1.77 31.09 3.65
CA ILE C 164 -2.35 30.06 4.50
C ILE C 164 -1.74 28.72 4.12
N TYR C 165 -1.54 27.86 5.12
CA TYR C 165 -0.93 26.55 4.91
C TYR C 165 -1.42 25.64 6.02
N TRP C 166 -2.10 24.56 5.65
CA TRP C 166 -2.74 23.65 6.58
C TRP C 166 -3.88 24.40 7.27
N PRO C 167 -4.82 24.97 6.51
CA PRO C 167 -5.93 25.71 7.13
C PRO C 167 -7.03 24.78 7.62
N ASN C 168 -7.72 25.24 8.67
CA ASN C 168 -8.71 24.41 9.33
C ASN C 168 -9.62 25.29 10.19
N GLY C 169 -10.74 24.71 10.59
CA GLY C 169 -11.72 25.30 11.48
C GLY C 169 -12.37 26.56 10.98
N LEU C 170 -12.82 26.51 9.74
CA LEU C 170 -13.56 27.62 9.16
C LEU C 170 -14.88 27.78 9.89
N THR C 171 -15.24 29.02 10.22
CA THR C 171 -16.49 29.25 10.91
C THR C 171 -17.10 30.56 10.44
N LEU C 172 -18.43 30.59 10.36
CA LEU C 172 -19.17 31.75 9.94
C LEU C 172 -19.93 32.26 11.15
N ASP C 173 -20.05 33.58 11.26
CA ASP C 173 -20.87 34.18 12.31
C ASP C 173 -22.14 34.75 11.71
N TYR C 174 -23.25 34.02 11.88
CA TYR C 174 -24.47 34.48 11.25
C TYR C 174 -25.00 35.68 12.00
N GLU C 175 -24.64 35.80 13.28
CA GLU C 175 -25.06 36.92 14.09
C GLU C 175 -24.36 38.19 13.67
N GLU C 176 -23.16 38.08 13.09
CA GLU C 176 -22.38 39.25 12.70
C GLU C 176 -21.82 39.13 11.28
N GLN C 177 -22.38 38.24 10.47
CA GLN C 177 -22.00 38.06 9.07
C GLN C 177 -20.49 38.04 8.87
N LYS C 178 -19.81 37.22 9.68
CA LYS C 178 -18.36 37.15 9.63
C LYS C 178 -17.92 35.69 9.48
N LEU C 179 -16.74 35.49 8.90
CA LEU C 179 -16.18 34.16 8.69
C LEU C 179 -14.85 34.06 9.42
N TYR C 180 -14.76 33.13 10.36
CA TYR C 180 -13.57 32.85 11.15
C TYR C 180 -12.87 31.58 10.68
N TRP C 181 -11.57 31.49 10.97
CA TRP C 181 -10.81 30.28 10.68
C TRP C 181 -9.50 30.28 11.45
N ALA C 182 -8.94 29.09 11.60
CA ALA C 182 -7.66 28.84 12.25
C ALA C 182 -6.63 28.35 11.25
N ASP C 183 -5.39 28.14 11.74
CA ASP C 183 -4.29 27.67 10.92
C ASP C 183 -3.44 26.69 11.72
N ALA C 184 -3.72 25.39 11.57
CA ALA C 184 -3.06 24.29 12.28
C ALA C 184 -1.57 24.19 12.00
N LYS C 185 -1.00 25.21 11.39
CA LYS C 185 0.42 25.23 11.05
C LYS C 185 1.03 26.57 11.47
N LEU C 186 0.22 27.61 11.52
CA LEU C 186 0.69 28.95 11.84
C LEU C 186 0.19 29.43 13.21
N ASN C 187 -0.56 28.59 13.93
CA ASN C 187 -1.01 28.88 15.29
C ASN C 187 -1.63 30.27 15.38
N PHE C 188 -2.56 30.52 14.46
CA PHE C 188 -3.39 31.71 14.48
C PHE C 188 -4.84 31.31 14.25
N ILE C 189 -5.74 32.18 14.70
CA ILE C 189 -7.16 32.10 14.40
C ILE C 189 -7.53 33.41 13.71
N HIS C 190 -7.89 33.34 12.43
CA HIS C 190 -8.30 34.55 11.74
C HIS C 190 -9.82 34.69 11.75
N LYS C 191 -10.31 35.82 11.23
CA LYS C 191 -11.71 35.98 10.91
C LYS C 191 -11.86 36.87 9.69
N SER C 192 -12.93 36.64 8.93
CA SER C 192 -13.26 37.45 7.78
C SER C 192 -14.76 37.41 7.56
N ASN C 193 -15.21 37.50 6.31
CA ASN C 193 -16.62 37.33 6.00
C ASN C 193 -16.74 36.80 4.57
N LEU C 194 -15.99 37.42 3.68
CA LEU C 194 -15.88 37.01 2.28
C LEU C 194 -14.61 37.67 1.78
N ASP C 195 -14.30 38.82 2.37
CA ASP C 195 -13.16 39.65 1.98
C ASP C 195 -12.39 39.99 3.24
N GLY C 196 -12.67 41.19 3.79
CA GLY C 196 -11.95 41.77 4.92
C GLY C 196 -11.61 40.78 6.00
N THR C 197 -10.34 40.69 6.39
CA THR C 197 -9.85 39.58 7.19
C THR C 197 -9.16 40.08 8.44
N ASN C 198 -9.68 39.67 9.60
CA ASN C 198 -9.07 39.97 10.89
C ASN C 198 -8.43 38.71 11.45
N ARG C 199 -7.20 38.81 11.94
CA ARG C 199 -6.52 37.73 12.64
C ARG C 199 -6.66 37.88 14.15
N GLN C 200 -7.08 36.81 14.81
CA GLN C 200 -7.33 36.85 16.25
C GLN C 200 -6.26 36.08 17.00
N PRO C 210 -4.11 24.60 16.13
CA PRO C 210 -5.44 25.14 15.81
C PRO C 210 -6.08 24.47 14.61
N PHE C 211 -6.93 23.47 14.83
CA PHE C 211 -7.67 22.88 13.71
C PHE C 211 -9.07 23.46 13.59
N ALA C 212 -10.07 22.78 14.14
CA ALA C 212 -11.44 23.28 14.04
C ALA C 212 -11.72 24.32 15.11
N LEU C 213 -12.75 25.12 14.86
CA LEU C 213 -13.20 26.11 15.82
C LEU C 213 -14.70 26.32 15.69
N THR C 214 -15.29 26.87 16.75
CA THR C 214 -16.70 27.22 16.78
C THR C 214 -16.86 28.46 17.65
N LEU C 215 -18.11 28.82 17.93
CA LEU C 215 -18.44 29.98 18.74
C LEU C 215 -19.66 29.59 19.57
N PHE C 216 -19.94 30.33 20.64
CA PHE C 216 -21.20 30.11 21.35
C PHE C 216 -21.84 31.44 21.71
N GLU C 217 -21.28 32.16 22.67
CA GLU C 217 -21.80 33.49 22.88
C GLU C 217 -20.67 34.51 22.74
N ASP C 218 -19.91 34.71 23.81
CA ASP C 218 -18.77 35.61 23.84
C ASP C 218 -17.42 34.92 23.62
N ILE C 219 -17.39 33.60 23.64
CA ILE C 219 -16.16 32.83 23.81
C ILE C 219 -15.84 32.07 22.54
N LEU C 220 -14.67 32.34 21.98
CA LEU C 220 -14.16 31.60 20.84
C LEU C 220 -13.23 30.53 21.37
N TYR C 221 -13.64 29.29 21.14
CA TYR C 221 -12.96 28.08 21.58
C TYR C 221 -12.18 27.48 20.41
N TRP C 222 -10.94 27.08 20.66
CA TRP C 222 -10.21 26.38 19.61
C TRP C 222 -9.47 25.19 20.22
N THR C 223 -9.01 24.32 19.35
CA THR C 223 -8.36 23.06 19.71
C THR C 223 -6.94 23.08 19.18
N ASP C 224 -5.95 22.88 20.05
CA ASP C 224 -4.58 23.17 19.66
C ASP C 224 -3.89 21.89 19.24
N TRP C 225 -3.37 21.91 18.00
CA TRP C 225 -2.74 20.75 17.38
C TRP C 225 -1.66 20.13 18.25
N SER C 226 -1.08 20.90 19.15
CA SER C 226 0.05 20.43 19.95
C SER C 226 -0.17 20.58 21.44
N THR C 227 -1.37 20.95 21.88
CA THR C 227 -1.65 21.02 23.30
C THR C 227 -2.72 20.04 23.75
N HIS C 228 -3.50 19.47 22.83
CA HIS C 228 -4.56 18.53 23.18
C HIS C 228 -5.45 19.10 24.29
N SER C 229 -5.76 20.39 24.19
CA SER C 229 -6.65 21.05 25.13
C SER C 229 -7.55 22.05 24.41
N ILE C 230 -8.68 22.34 25.04
CA ILE C 230 -9.65 23.30 24.52
C ILE C 230 -9.26 24.69 25.01
N LEU C 231 -8.57 25.45 24.16
CA LEU C 231 -8.14 26.78 24.54
C LEU C 231 -9.31 27.71 24.31
N ALA C 232 -9.48 28.67 25.20
CA ALA C 232 -10.62 29.56 25.12
C ALA C 232 -10.18 31.00 25.18
N CYS C 233 -10.92 31.85 24.50
CA CYS C 233 -10.60 33.27 24.48
C CYS C 233 -11.89 34.00 24.20
N ASN C 234 -11.87 35.31 24.39
CA ASN C 234 -13.02 36.11 24.01
C ASN C 234 -13.18 36.06 22.49
N LYS C 235 -14.42 35.98 22.03
CA LYS C 235 -14.67 35.82 20.60
C LYS C 235 -14.81 37.15 19.89
N TYR C 236 -14.72 38.25 20.63
CA TYR C 236 -14.76 39.60 20.09
C TYR C 236 -13.40 40.26 20.15
N THR C 237 -12.71 40.11 21.28
CA THR C 237 -11.40 40.71 21.51
C THR C 237 -10.28 39.68 21.46
N GLY C 238 -10.41 38.58 22.22
CA GLY C 238 -9.39 37.55 22.31
C GLY C 238 -8.81 37.40 23.70
N GLU C 239 -8.85 38.45 24.50
CA GLU C 239 -8.30 38.42 25.85
C GLU C 239 -8.95 37.31 26.67
N GLY C 240 -8.21 36.85 27.67
CA GLY C 240 -8.67 35.69 28.41
C GLY C 240 -8.41 34.38 27.71
N LEU C 241 -7.14 34.00 27.57
CA LEU C 241 -6.82 32.77 26.84
C LEU C 241 -6.94 31.58 27.78
N ARG C 242 -8.17 31.42 28.27
CA ARG C 242 -8.50 30.47 29.31
C ARG C 242 -8.46 29.05 28.74
N GLU C 243 -8.49 28.08 29.63
CA GLU C 243 -8.52 26.68 29.26
C GLU C 243 -9.86 26.12 29.68
N ILE C 244 -10.56 25.48 28.76
CA ILE C 244 -11.89 24.97 29.03
C ILE C 244 -11.85 23.52 29.46
N HIS C 245 -11.16 22.67 28.70
CA HIS C 245 -11.03 21.26 29.09
C HIS C 245 -9.71 20.70 28.60
N SER C 246 -8.94 20.14 29.55
CA SER C 246 -7.66 19.53 29.28
C SER C 246 -7.83 18.07 28.86
N ASP C 247 -6.72 17.40 28.58
CA ASP C 247 -6.60 15.97 28.29
C ASP C 247 -7.27 15.55 26.99
N ILE C 248 -7.86 16.47 26.24
CA ILE C 248 -8.57 16.11 25.02
C ILE C 248 -7.49 15.86 23.97
N PHE C 249 -7.19 14.59 23.70
CA PHE C 249 -6.06 14.29 22.82
C PHE C 249 -6.43 14.47 21.35
N SER C 250 -7.59 13.99 20.94
CA SER C 250 -7.97 14.06 19.54
C SER C 250 -9.13 15.04 19.44
N PRO C 251 -8.88 16.28 19.00
CA PRO C 251 -9.97 17.21 18.69
C PRO C 251 -10.07 17.53 17.21
N MET C 252 -10.70 16.67 16.43
CA MET C 252 -10.80 16.90 15.00
C MET C 252 -11.84 17.94 14.61
N ASP C 253 -12.72 18.34 15.54
CA ASP C 253 -13.77 19.30 15.20
C ASP C 253 -14.50 19.73 16.47
N ILE C 254 -15.02 20.95 16.45
CA ILE C 254 -15.78 21.48 17.58
C ILE C 254 -16.84 22.43 17.05
N HIS C 255 -18.05 22.31 17.61
CA HIS C 255 -19.19 23.11 17.18
C HIS C 255 -20.01 23.46 18.41
N ALA C 256 -20.91 24.43 18.24
CA ALA C 256 -21.83 24.80 19.32
C ALA C 256 -23.23 24.26 19.08
N PHE C 257 -23.64 23.33 19.93
CA PHE C 257 -24.89 22.58 19.82
C PHE C 257 -26.02 23.39 20.44
N SER C 258 -26.61 24.30 19.65
CA SER C 258 -27.66 25.12 20.24
C SER C 258 -28.72 25.50 19.22
N GLN C 259 -29.97 25.53 19.69
CA GLN C 259 -31.07 25.95 18.82
C GLN C 259 -30.80 27.35 18.31
N GLN C 260 -30.23 28.19 19.17
CA GLN C 260 -29.94 29.56 18.81
C GLN C 260 -28.81 29.64 17.80
N ARG C 261 -28.25 28.51 17.43
CA ARG C 261 -27.17 28.42 16.45
C ARG C 261 -27.71 28.24 15.04
N GLN C 262 -29.02 28.14 14.86
CA GLN C 262 -29.65 27.95 13.55
C GLN C 262 -30.87 28.84 13.45
N PRO C 263 -30.66 30.11 13.08
CA PRO C 263 -31.79 31.06 12.99
C PRO C 263 -32.86 30.59 12.02
N ASN C 264 -34.12 30.88 12.36
CA ASN C 264 -35.27 30.49 11.55
C ASN C 264 -35.53 31.46 10.40
N ALA C 265 -35.98 30.89 9.27
CA ALA C 265 -36.46 31.62 8.10
C ALA C 265 -37.42 30.69 7.36
N THR C 266 -38.29 31.27 6.53
CA THR C 266 -39.11 30.41 5.68
C THR C 266 -38.34 29.89 4.47
N ASN C 267 -38.70 28.68 4.05
CA ASN C 267 -38.14 28.04 2.86
C ASN C 267 -38.72 28.60 1.55
N PRO C 268 -37.90 29.10 0.63
CA PRO C 268 -38.46 29.62 -0.62
C PRO C 268 -39.06 28.52 -1.50
N CYS C 269 -38.63 27.26 -1.32
CA CYS C 269 -39.30 26.14 -1.97
C CYS C 269 -40.76 26.04 -1.53
N GLY C 270 -41.02 26.28 -0.25
CA GLY C 270 -42.38 26.43 0.24
C GLY C 270 -43.06 25.11 0.61
N ILE C 271 -44.25 24.88 0.06
CA ILE C 271 -45.01 23.68 0.39
C ILE C 271 -44.32 22.42 -0.14
N ASP C 272 -44.13 22.33 -1.45
CA ASP C 272 -43.54 21.14 -2.06
C ASP C 272 -42.41 21.52 -3.02
N ASN C 273 -41.19 21.55 -2.49
CA ASN C 273 -39.98 21.73 -3.29
C ASN C 273 -40.10 22.82 -4.35
N GLY C 274 -40.98 23.78 -4.14
CA GLY C 274 -41.28 24.78 -5.16
C GLY C 274 -41.52 24.19 -6.53
N GLY C 275 -42.27 23.09 -6.60
CA GLY C 275 -42.56 22.43 -7.85
C GLY C 275 -41.42 21.66 -8.47
N CYS C 276 -40.26 21.61 -7.82
CA CYS C 276 -39.17 20.78 -8.31
C CYS C 276 -39.56 19.32 -8.17
N SER C 277 -39.38 18.56 -9.26
CA SER C 277 -39.66 17.12 -9.20
C SER C 277 -38.66 16.38 -8.31
N HIS C 278 -37.47 16.93 -8.10
CA HIS C 278 -36.46 16.19 -7.35
C HIS C 278 -35.82 17.05 -6.26
N LEU C 279 -34.69 17.66 -6.58
CA LEU C 279 -33.98 18.49 -5.60
C LEU C 279 -34.44 19.93 -5.66
N CYS C 280 -34.72 20.52 -4.50
CA CYS C 280 -34.97 21.95 -4.41
C CYS C 280 -33.82 22.51 -3.58
N LEU C 281 -32.85 23.12 -4.24
CA LEU C 281 -31.66 23.63 -3.57
C LEU C 281 -31.75 25.12 -3.35
N MET C 282 -31.24 25.58 -2.21
CA MET C 282 -31.13 27.01 -1.97
C MET C 282 -30.28 27.66 -3.05
N SER C 283 -30.57 28.93 -3.33
CA SER C 283 -29.90 29.69 -4.35
C SER C 283 -29.68 31.10 -3.82
N PRO C 284 -28.66 31.82 -4.31
CA PRO C 284 -28.52 33.24 -3.93
C PRO C 284 -29.44 34.14 -4.74
N VAL C 285 -29.75 33.71 -5.96
CA VAL C 285 -30.41 34.58 -6.93
C VAL C 285 -31.83 34.10 -7.17
N LYS C 286 -32.55 34.84 -8.02
CA LYS C 286 -33.87 34.50 -8.55
C LYS C 286 -34.84 34.10 -7.43
N PRO C 287 -35.72 33.00 -7.52
CA PRO C 287 -36.60 32.73 -6.38
C PRO C 287 -35.92 32.22 -5.13
N PHE C 288 -34.59 32.22 -5.10
CA PHE C 288 -33.85 31.70 -3.95
C PHE C 288 -34.16 30.22 -3.74
N TYR C 289 -34.48 29.54 -4.83
CA TYR C 289 -34.60 28.10 -4.87
C TYR C 289 -34.40 27.67 -6.31
N GLN C 290 -33.87 26.45 -6.49
CA GLN C 290 -33.43 26.00 -7.79
C GLN C 290 -33.71 24.52 -7.95
N CYS C 291 -34.42 24.18 -9.02
CA CYS C 291 -34.79 22.80 -9.30
C CYS C 291 -33.60 22.04 -9.85
N ALA C 292 -33.32 20.88 -9.27
CA ALA C 292 -32.18 20.08 -9.66
C ALA C 292 -32.63 18.63 -9.87
N CYS C 293 -31.79 17.87 -10.55
CA CYS C 293 -32.06 16.48 -10.88
C CYS C 293 -30.90 15.61 -10.43
N PRO C 294 -31.16 14.37 -10.02
CA PRO C 294 -30.08 13.48 -9.59
C PRO C 294 -29.08 13.18 -10.69
N THR C 295 -27.91 12.70 -10.25
CA THR C 295 -26.74 12.43 -11.09
C THR C 295 -27.08 11.72 -12.40
N GLY C 296 -26.54 12.25 -13.49
CA GLY C 296 -26.70 11.66 -14.82
C GLY C 296 -27.90 12.05 -15.66
N VAL C 297 -29.06 12.20 -15.02
CA VAL C 297 -30.30 12.44 -15.74
C VAL C 297 -30.37 13.91 -16.14
N LYS C 298 -30.94 14.18 -17.31
CA LYS C 298 -30.97 15.53 -17.83
C LYS C 298 -32.33 16.17 -17.53
N LEU C 299 -32.32 17.50 -17.50
CA LEU C 299 -33.51 18.28 -17.18
C LEU C 299 -34.18 18.75 -18.45
N LEU C 300 -35.47 18.50 -18.57
CA LEU C 300 -36.18 18.84 -19.78
C LEU C 300 -36.36 20.35 -19.91
N GLU C 301 -36.60 20.78 -21.15
CA GLU C 301 -36.92 22.16 -21.52
C GLU C 301 -37.81 22.89 -20.52
N ASN C 302 -38.72 22.15 -19.88
CA ASN C 302 -39.47 22.66 -18.73
C ASN C 302 -38.58 23.40 -17.74
N GLY C 303 -37.47 22.79 -17.33
CA GLY C 303 -36.70 23.37 -16.26
C GLY C 303 -37.28 23.05 -14.90
N LYS C 304 -38.31 22.22 -14.87
CA LYS C 304 -38.94 21.77 -13.65
C LYS C 304 -39.12 20.27 -13.62
N THR C 305 -39.18 19.61 -14.77
CA THR C 305 -39.39 18.17 -14.85
C THR C 305 -38.09 17.55 -15.35
N CYS C 306 -37.61 16.55 -14.64
CA CYS C 306 -36.47 15.77 -15.09
C CYS C 306 -36.88 14.77 -16.17
N LYS C 307 -35.90 14.38 -16.99
CA LYS C 307 -36.08 13.20 -17.81
C LYS C 307 -36.15 11.98 -16.90
N ASP C 308 -36.79 10.91 -17.39
CA ASP C 308 -36.81 9.70 -16.58
C ASP C 308 -35.46 8.98 -16.58
N GLY C 309 -34.57 9.41 -15.69
CA GLY C 309 -33.22 8.87 -15.64
C GLY C 309 -32.36 9.25 -16.84
N ALA C 310 -31.10 8.85 -16.77
CA ALA C 310 -30.20 9.02 -17.90
C ALA C 310 -30.61 8.09 -19.03
N THR C 311 -30.53 8.57 -20.26
CA THR C 311 -30.99 7.74 -21.37
C THR C 311 -29.89 6.87 -21.95
N GLU C 312 -28.66 7.02 -21.47
CA GLU C 312 -27.50 6.33 -22.01
C GLU C 312 -26.92 5.33 -21.01
N LEU C 313 -26.08 4.43 -21.53
CA LEU C 313 -25.35 3.47 -20.72
C LEU C 313 -24.07 3.11 -21.46
N LEU C 314 -22.90 3.37 -20.89
CA LEU C 314 -21.66 2.99 -21.57
C LEU C 314 -20.99 1.98 -20.66
N LEU C 315 -21.37 0.73 -20.83
CA LEU C 315 -21.08 -0.32 -19.85
C LEU C 315 -19.61 -0.71 -19.92
N LEU C 316 -19.03 -0.96 -18.75
CA LEU C 316 -17.59 -1.20 -18.61
C LEU C 316 -17.44 -2.45 -17.75
N ALA C 317 -16.74 -3.45 -18.30
CA ALA C 317 -16.46 -4.71 -17.62
C ALA C 317 -15.01 -4.74 -17.13
N ARG C 318 -14.82 -4.39 -15.87
CA ARG C 318 -13.55 -4.53 -15.17
C ARG C 318 -13.41 -5.97 -14.71
N ARG C 319 -12.23 -6.29 -14.18
CA ARG C 319 -11.98 -7.66 -13.74
C ARG C 319 -12.90 -8.07 -12.61
N THR C 320 -13.29 -7.14 -11.73
CA THR C 320 -14.05 -7.50 -10.53
C THR C 320 -15.34 -6.73 -10.35
N ASP C 321 -15.53 -5.60 -11.03
CA ASP C 321 -16.78 -4.84 -11.00
C ASP C 321 -17.41 -4.82 -12.39
N LEU C 322 -18.58 -4.18 -12.44
CA LEU C 322 -19.20 -3.75 -13.69
C LEU C 322 -19.73 -2.35 -13.41
N ARG C 323 -19.48 -1.41 -14.31
CA ARG C 323 -19.83 -0.02 -14.06
C ARG C 323 -20.48 0.63 -15.28
N ARG C 324 -21.18 1.76 -15.03
CA ARG C 324 -21.84 2.47 -16.11
C ARG C 324 -21.44 3.94 -16.08
N ILE C 325 -21.29 4.51 -17.27
CA ILE C 325 -20.95 5.90 -17.50
C ILE C 325 -21.99 6.48 -18.45
N SER C 326 -22.65 7.55 -18.04
CA SER C 326 -23.50 8.22 -19.02
C SER C 326 -22.62 9.04 -19.95
N LEU C 327 -23.04 9.12 -21.21
CA LEU C 327 -22.34 9.91 -22.22
C LEU C 327 -23.15 11.12 -22.65
N ASP C 328 -24.17 11.47 -21.86
CA ASP C 328 -25.00 12.63 -22.12
C ASP C 328 -24.40 13.91 -21.54
N THR C 329 -23.64 13.78 -20.46
CA THR C 329 -23.09 14.90 -19.73
C THR C 329 -21.58 14.75 -19.61
N PRO C 330 -20.85 15.86 -19.58
CA PRO C 330 -19.38 15.82 -19.56
C PRO C 330 -18.76 15.41 -18.24
N ASP C 331 -19.54 15.08 -17.22
CA ASP C 331 -18.91 14.72 -15.95
C ASP C 331 -18.37 13.30 -15.96
N PHE C 332 -18.95 12.42 -16.77
CA PHE C 332 -18.52 11.03 -16.85
C PHE C 332 -18.27 10.44 -15.47
N THR C 333 -19.32 10.10 -14.76
CA THR C 333 -19.20 9.63 -13.39
C THR C 333 -19.59 8.17 -13.42
N ASP C 334 -18.70 7.33 -12.92
CA ASP C 334 -18.94 5.90 -12.93
C ASP C 334 -19.65 5.45 -11.66
N ILE C 335 -20.97 5.42 -11.71
CA ILE C 335 -21.73 4.81 -10.63
C ILE C 335 -21.35 3.34 -10.64
N VAL C 336 -20.93 2.82 -9.50
CA VAL C 336 -20.65 1.38 -9.43
C VAL C 336 -21.96 0.61 -9.34
N LEU C 337 -22.09 -0.40 -10.18
CA LEU C 337 -23.23 -1.30 -10.10
C LEU C 337 -23.15 -2.16 -8.85
N GLN C 338 -24.30 -2.29 -8.18
CA GLN C 338 -24.43 -3.06 -6.95
C GLN C 338 -24.59 -4.54 -7.29
N LEU C 339 -23.48 -5.20 -7.59
CA LEU C 339 -23.55 -6.59 -8.00
C LEU C 339 -22.62 -7.43 -7.13
N GLU C 340 -22.95 -8.71 -7.00
CA GLU C 340 -22.23 -9.66 -6.17
C GLU C 340 -21.51 -10.71 -7.00
N ASP C 341 -20.28 -11.03 -6.59
CA ASP C 341 -19.53 -12.19 -7.08
C ASP C 341 -19.07 -12.02 -8.52
N ILE C 342 -18.58 -10.84 -8.85
CA ILE C 342 -17.95 -10.61 -10.14
C ILE C 342 -16.44 -10.79 -9.97
N ARG C 343 -15.90 -11.77 -10.68
CA ARG C 343 -14.57 -12.31 -10.39
C ARG C 343 -13.59 -12.10 -11.54
N HIS C 344 -14.07 -12.24 -12.79
CA HIS C 344 -13.25 -12.02 -13.96
C HIS C 344 -14.18 -11.71 -15.12
N ALA C 345 -14.94 -10.64 -14.99
CA ALA C 345 -15.71 -10.11 -16.12
C ALA C 345 -14.80 -9.65 -17.25
N ILE C 346 -15.35 -9.70 -18.46
CA ILE C 346 -14.60 -9.41 -19.68
C ILE C 346 -15.42 -8.47 -20.54
N ALA C 347 -16.48 -8.99 -21.13
CA ALA C 347 -17.33 -8.26 -22.04
C ALA C 347 -18.68 -7.91 -21.43
N ILE C 348 -19.22 -6.77 -21.82
CA ILE C 348 -20.54 -6.35 -21.38
C ILE C 348 -21.25 -5.79 -22.60
N ASP C 349 -22.57 -5.90 -22.61
CA ASP C 349 -23.39 -5.27 -23.62
C ASP C 349 -24.80 -5.15 -23.08
N TYR C 350 -25.66 -4.49 -23.86
CA TYR C 350 -27.01 -4.21 -23.41
C TYR C 350 -27.93 -4.20 -24.61
N ASP C 351 -29.09 -4.86 -24.47
CA ASP C 351 -30.10 -4.82 -25.51
C ASP C 351 -31.08 -3.70 -25.17
N PRO C 352 -31.25 -2.69 -26.03
CA PRO C 352 -32.21 -1.62 -25.71
C PRO C 352 -33.66 -2.04 -25.88
N VAL C 353 -33.96 -3.05 -26.70
CA VAL C 353 -35.35 -3.40 -26.97
C VAL C 353 -36.04 -3.90 -25.72
N GLU C 354 -35.42 -4.85 -25.02
CA GLU C 354 -35.99 -5.39 -23.79
C GLU C 354 -35.37 -4.79 -22.54
N GLY C 355 -34.31 -4.00 -22.69
CA GLY C 355 -33.62 -3.40 -21.57
C GLY C 355 -32.79 -4.38 -20.75
N TYR C 356 -32.21 -5.37 -21.40
CA TYR C 356 -31.45 -6.39 -20.70
C TYR C 356 -29.96 -6.14 -20.92
N ILE C 357 -29.18 -6.22 -19.84
CA ILE C 357 -27.74 -6.16 -19.92
C ILE C 357 -27.22 -7.58 -19.81
N TYR C 358 -26.34 -7.95 -20.73
CA TYR C 358 -25.66 -9.23 -20.72
C TYR C 358 -24.16 -9.00 -20.64
N TRP C 359 -23.52 -9.62 -19.64
CA TRP C 359 -22.09 -9.53 -19.49
C TRP C 359 -21.54 -10.94 -19.29
N THR C 360 -20.23 -11.10 -19.43
CA THR C 360 -19.61 -12.40 -19.25
C THR C 360 -18.56 -12.36 -18.14
N ASP C 361 -18.35 -13.51 -17.51
CA ASP C 361 -17.39 -13.63 -16.41
C ASP C 361 -16.49 -14.81 -16.68
N ASP C 362 -15.22 -14.48 -16.96
CA ASP C 362 -14.17 -15.45 -17.24
C ASP C 362 -13.87 -16.35 -16.04
N GLU C 363 -14.30 -15.96 -14.84
CA GLU C 363 -14.09 -16.82 -13.69
C GLU C 363 -15.31 -17.70 -13.49
N VAL C 364 -16.48 -17.09 -13.40
CA VAL C 364 -17.68 -17.88 -13.19
C VAL C 364 -17.91 -18.70 -14.44
N ARG C 365 -17.31 -18.26 -15.54
CA ARG C 365 -17.37 -18.89 -16.85
C ARG C 365 -18.79 -18.84 -17.38
N ALA C 366 -19.45 -17.71 -17.15
CA ALA C 366 -20.88 -17.64 -17.46
C ALA C 366 -21.23 -16.29 -18.05
N ILE C 367 -22.50 -16.14 -18.43
CA ILE C 367 -23.05 -14.86 -18.89
C ILE C 367 -24.24 -14.51 -18.02
N ARG C 368 -24.32 -13.24 -17.61
CA ARG C 368 -25.36 -12.77 -16.71
C ARG C 368 -26.15 -11.63 -17.35
N ARG C 369 -27.36 -11.43 -16.82
CA ARG C 369 -28.28 -10.40 -17.25
C ARG C 369 -28.67 -9.54 -16.06
N SER C 370 -29.18 -8.34 -16.36
CA SER C 370 -29.57 -7.36 -15.34
C SER C 370 -29.94 -6.01 -15.94
N PHE C 371 -30.55 -5.14 -15.15
CA PHE C 371 -30.91 -3.80 -15.60
C PHE C 371 -29.86 -2.78 -15.15
N ILE C 372 -29.96 -1.57 -15.73
CA ILE C 372 -29.06 -0.46 -15.37
C ILE C 372 -28.98 -0.33 -13.86
N ASP C 373 -30.10 -0.55 -13.17
CA ASP C 373 -30.12 -0.55 -11.72
C ASP C 373 -29.19 -1.62 -11.17
N GLY C 374 -29.22 -2.81 -11.77
CA GLY C 374 -28.59 -3.99 -11.24
C GLY C 374 -29.59 -4.96 -10.67
N SER C 375 -30.87 -4.62 -10.69
CA SER C 375 -31.92 -5.51 -10.27
C SER C 375 -32.19 -6.55 -11.34
N GLY C 376 -33.02 -7.53 -10.99
CA GLY C 376 -33.43 -8.57 -11.90
C GLY C 376 -32.26 -9.30 -12.52
N SER C 377 -31.18 -9.43 -11.74
CA SER C 377 -29.98 -10.11 -12.22
C SER C 377 -30.30 -11.58 -12.46
N GLN C 378 -30.03 -12.05 -13.67
CA GLN C 378 -30.26 -13.45 -13.97
C GLN C 378 -29.10 -14.02 -14.79
N PHE C 379 -28.97 -15.34 -14.75
CA PHE C 379 -28.02 -16.08 -15.56
C PHE C 379 -28.62 -16.46 -16.90
N VAL C 380 -27.82 -16.33 -17.95
CA VAL C 380 -28.26 -16.61 -19.31
C VAL C 380 -27.69 -17.92 -19.81
N VAL C 381 -26.38 -18.11 -19.66
CA VAL C 381 -25.73 -19.36 -20.05
C VAL C 381 -24.76 -19.73 -18.95
N THR C 382 -24.78 -21.00 -18.56
CA THR C 382 -23.90 -21.52 -17.53
C THR C 382 -23.02 -22.67 -18.00
N ALA C 383 -23.39 -23.36 -19.07
CA ALA C 383 -22.76 -24.61 -19.48
C ALA C 383 -21.44 -24.44 -20.23
N GLN C 384 -21.31 -25.19 -21.33
CA GLN C 384 -20.03 -25.49 -21.96
C GLN C 384 -19.27 -24.29 -22.52
N ILE C 385 -18.72 -23.47 -21.64
CA ILE C 385 -17.97 -22.28 -22.02
C ILE C 385 -16.58 -22.41 -21.40
N ALA C 386 -15.56 -22.12 -22.18
CA ALA C 386 -14.18 -22.11 -21.69
C ALA C 386 -13.67 -20.68 -21.71
N HIS C 387 -13.37 -20.17 -22.90
CA HIS C 387 -12.78 -18.84 -23.08
C HIS C 387 -13.73 -18.07 -23.97
N PRO C 388 -14.87 -17.67 -23.44
CA PRO C 388 -15.91 -17.04 -24.25
C PRO C 388 -15.51 -15.63 -24.68
N ASP C 389 -14.70 -15.57 -25.73
CA ASP C 389 -14.07 -14.35 -26.17
C ASP C 389 -15.00 -13.47 -27.00
N GLY C 390 -16.25 -13.90 -27.22
CA GLY C 390 -17.17 -13.14 -28.05
C GLY C 390 -18.62 -13.43 -27.76
N ILE C 391 -19.42 -12.38 -27.64
CA ILE C 391 -20.85 -12.45 -27.38
C ILE C 391 -21.55 -11.48 -28.31
N ALA C 392 -22.76 -11.83 -28.75
CA ALA C 392 -23.49 -10.95 -29.67
C ALA C 392 -24.99 -11.05 -29.45
N VAL C 393 -25.60 -9.90 -29.21
CA VAL C 393 -27.05 -9.74 -29.06
C VAL C 393 -27.63 -9.49 -30.44
N ASP C 394 -28.68 -10.22 -30.79
CA ASP C 394 -29.52 -9.85 -31.94
C ASP C 394 -30.78 -9.14 -31.50
N TRP C 395 -30.87 -7.85 -31.80
CA TRP C 395 -31.94 -7.02 -31.28
C TRP C 395 -33.16 -6.97 -32.18
N VAL C 396 -33.10 -7.55 -33.37
CA VAL C 396 -34.26 -7.55 -34.26
C VAL C 396 -35.02 -8.84 -34.03
N ALA C 397 -34.39 -9.96 -34.38
CA ALA C 397 -34.95 -11.29 -34.25
C ALA C 397 -35.00 -11.75 -32.80
N ARG C 398 -34.33 -11.04 -31.90
CA ARG C 398 -34.31 -11.35 -30.48
C ARG C 398 -33.57 -12.67 -30.22
N ASN C 399 -32.40 -12.80 -30.84
CA ASN C 399 -31.54 -13.96 -30.66
C ASN C 399 -30.25 -13.50 -29.98
N LEU C 400 -29.41 -14.47 -29.64
CA LEU C 400 -28.11 -14.16 -29.04
C LEU C 400 -27.03 -15.08 -29.57
N TYR C 401 -25.95 -14.51 -30.09
CA TYR C 401 -24.82 -15.31 -30.53
C TYR C 401 -23.65 -15.05 -29.57
N TRP C 402 -22.82 -16.06 -29.36
CA TRP C 402 -21.57 -15.83 -28.65
C TRP C 402 -20.46 -16.70 -29.21
N THR C 403 -19.22 -16.25 -29.02
CA THR C 403 -18.02 -16.96 -29.43
C THR C 403 -17.23 -17.45 -28.23
N ASP C 404 -16.52 -18.57 -28.41
CA ASP C 404 -15.72 -19.12 -27.32
C ASP C 404 -14.34 -19.46 -27.89
N THR C 405 -13.33 -18.69 -27.52
CA THR C 405 -11.97 -18.96 -28.01
C THR C 405 -11.46 -20.28 -27.47
N GLY C 406 -11.95 -20.70 -26.30
CA GLY C 406 -11.55 -21.94 -25.69
C GLY C 406 -12.01 -23.08 -26.56
N THR C 407 -13.33 -23.22 -26.67
CA THR C 407 -13.92 -24.34 -27.38
C THR C 407 -13.95 -24.09 -28.88
N ASP C 408 -13.64 -22.87 -29.31
CA ASP C 408 -13.40 -22.56 -30.72
C ASP C 408 -14.70 -22.64 -31.52
N ARG C 409 -15.81 -22.22 -30.93
CA ARG C 409 -17.08 -22.32 -31.62
C ARG C 409 -17.99 -21.16 -31.26
N ILE C 410 -18.80 -20.77 -32.25
CA ILE C 410 -19.84 -19.76 -32.13
C ILE C 410 -21.16 -20.48 -31.90
N GLU C 411 -21.79 -20.20 -30.76
CA GLU C 411 -23.06 -20.80 -30.36
C GLU C 411 -24.14 -19.73 -30.42
N VAL C 412 -25.39 -20.15 -30.51
CA VAL C 412 -26.51 -19.21 -30.55
C VAL C 412 -27.70 -19.74 -29.77
N THR C 413 -28.26 -18.90 -28.92
CA THR C 413 -29.54 -19.17 -28.27
C THR C 413 -30.54 -18.07 -28.58
N ARG C 414 -31.62 -17.99 -27.79
CA ARG C 414 -32.46 -16.80 -27.76
C ARG C 414 -32.11 -15.92 -26.58
N LEU C 415 -32.68 -14.71 -26.56
CA LEU C 415 -32.40 -13.76 -25.49
C LEU C 415 -32.75 -14.34 -24.13
N ASN C 416 -33.80 -15.15 -24.08
CA ASN C 416 -34.09 -15.95 -22.89
C ASN C 416 -32.84 -16.67 -22.41
N GLY C 417 -32.12 -17.31 -23.33
CA GLY C 417 -30.95 -18.10 -23.04
C GLY C 417 -31.19 -19.55 -23.37
N THR C 418 -32.38 -19.85 -23.85
CA THR C 418 -32.80 -21.18 -24.23
C THR C 418 -32.61 -21.32 -25.73
N MET C 419 -32.67 -22.57 -26.20
CA MET C 419 -32.47 -22.89 -27.61
C MET C 419 -31.01 -22.68 -28.01
N ARG C 420 -30.10 -23.06 -27.13
CA ARG C 420 -28.67 -22.92 -27.37
C ARG C 420 -28.26 -23.81 -28.55
N LYS C 421 -27.58 -23.23 -29.53
CA LYS C 421 -27.21 -23.97 -30.74
C LYS C 421 -25.81 -23.58 -31.18
N ILE C 422 -25.01 -24.59 -31.53
CA ILE C 422 -23.68 -24.36 -32.07
C ILE C 422 -23.81 -23.99 -33.54
N LEU C 423 -23.46 -22.75 -33.85
CA LEU C 423 -23.74 -22.14 -35.14
C LEU C 423 -22.55 -22.19 -36.09
N ILE C 424 -21.34 -22.12 -35.56
CA ILE C 424 -20.11 -22.33 -36.32
C ILE C 424 -19.08 -23.03 -35.45
N SER C 425 -18.47 -24.10 -35.98
CA SER C 425 -17.47 -24.85 -35.21
C SER C 425 -16.24 -25.16 -36.05
N GLU C 426 -16.45 -25.70 -37.25
CA GLU C 426 -15.34 -26.06 -38.14
C GLU C 426 -14.65 -24.82 -38.74
N ASP C 427 -13.34 -24.95 -38.96
CA ASP C 427 -12.45 -23.95 -39.57
C ASP C 427 -12.36 -22.62 -38.84
N LEU C 428 -12.64 -22.60 -37.54
CA LEU C 428 -12.54 -21.40 -36.71
C LEU C 428 -11.60 -21.73 -35.56
N GLU C 429 -10.52 -20.97 -35.42
CA GLU C 429 -9.60 -21.18 -34.31
C GLU C 429 -9.42 -19.89 -33.54
N GLU C 430 -9.49 -19.99 -32.22
CA GLU C 430 -9.33 -18.86 -31.31
C GLU C 430 -10.20 -17.70 -31.77
N PRO C 431 -11.52 -17.85 -31.76
CA PRO C 431 -12.41 -16.73 -32.13
C PRO C 431 -12.63 -15.78 -30.96
N ARG C 432 -12.62 -14.48 -31.28
CA ARG C 432 -12.71 -13.46 -30.24
C ARG C 432 -13.95 -12.63 -30.49
N ALA C 433 -13.84 -11.48 -31.16
CA ALA C 433 -14.96 -10.57 -31.34
C ALA C 433 -15.95 -11.04 -32.39
N ILE C 434 -17.24 -10.83 -32.12
CA ILE C 434 -18.34 -11.26 -32.97
C ILE C 434 -19.31 -10.08 -33.07
N VAL C 435 -19.91 -9.89 -34.24
CA VAL C 435 -20.86 -8.79 -34.44
C VAL C 435 -21.86 -9.19 -35.51
N LEU C 436 -22.99 -8.48 -35.53
CA LEU C 436 -24.09 -8.83 -36.42
C LEU C 436 -24.70 -7.57 -37.02
N ASP C 437 -25.16 -7.71 -38.26
CA ASP C 437 -25.90 -6.68 -39.00
C ASP C 437 -27.28 -7.21 -39.37
N PRO C 438 -28.24 -7.18 -38.45
CA PRO C 438 -29.51 -7.88 -38.70
C PRO C 438 -30.26 -7.36 -39.91
N MET C 439 -30.26 -6.04 -40.14
CA MET C 439 -31.02 -5.47 -41.25
C MET C 439 -30.49 -5.90 -42.61
N VAL C 440 -29.19 -6.15 -42.75
CA VAL C 440 -28.69 -6.72 -44.01
C VAL C 440 -28.78 -8.23 -44.01
N GLY C 441 -28.36 -8.85 -42.91
CA GLY C 441 -28.41 -10.28 -42.75
C GLY C 441 -27.05 -10.92 -42.66
N TYR C 442 -26.05 -10.13 -42.27
CA TYR C 442 -24.65 -10.54 -42.28
C TYR C 442 -24.11 -10.56 -40.87
N MET C 443 -23.20 -11.51 -40.61
CA MET C 443 -22.54 -11.67 -39.32
C MET C 443 -21.04 -11.68 -39.56
N TYR C 444 -20.33 -10.73 -38.97
CA TYR C 444 -18.89 -10.67 -39.14
C TYR C 444 -18.21 -11.02 -37.82
N TRP C 445 -17.14 -11.82 -37.90
CA TRP C 445 -16.36 -12.11 -36.70
C TRP C 445 -14.89 -12.21 -37.03
N THR C 446 -14.06 -12.09 -36.00
CA THR C 446 -12.62 -12.28 -36.11
C THR C 446 -12.18 -13.65 -35.59
N ASP C 447 -10.99 -14.05 -36.01
CA ASP C 447 -10.42 -15.34 -35.65
C ASP C 447 -8.93 -15.19 -35.45
N TRP C 448 -8.41 -15.95 -34.51
CA TRP C 448 -6.98 -16.09 -34.28
C TRP C 448 -6.61 -17.51 -34.60
N GLY C 449 -5.68 -18.09 -33.85
CA GLY C 449 -5.34 -19.46 -34.18
C GLY C 449 -4.41 -19.52 -35.38
N GLU C 450 -4.39 -20.70 -36.00
CA GLU C 450 -3.49 -20.99 -37.11
C GLU C 450 -3.37 -19.87 -38.13
N ILE C 451 -4.49 -19.29 -38.57
CA ILE C 451 -4.42 -18.13 -39.45
C ILE C 451 -5.44 -17.05 -39.08
N PRO C 452 -5.03 -15.93 -38.47
CA PRO C 452 -6.01 -14.93 -38.05
C PRO C 452 -6.68 -14.32 -39.26
N LYS C 453 -7.94 -13.90 -39.08
CA LYS C 453 -8.67 -13.31 -40.20
C LYS C 453 -9.91 -12.59 -39.68
N ILE C 454 -10.45 -11.70 -40.51
CA ILE C 454 -11.80 -11.17 -40.30
C ILE C 454 -12.72 -11.77 -41.36
N GLU C 455 -13.77 -12.44 -40.92
CA GLU C 455 -14.71 -13.11 -41.81
C GLU C 455 -16.06 -12.41 -41.75
N ARG C 456 -16.89 -12.69 -42.76
CA ARG C 456 -18.29 -12.28 -42.77
C ARG C 456 -19.11 -13.45 -43.31
N ALA C 457 -20.21 -13.74 -42.64
CA ALA C 457 -21.20 -14.69 -43.11
C ALA C 457 -22.60 -14.11 -42.96
N ALA C 458 -23.56 -14.75 -43.63
CA ALA C 458 -24.94 -14.49 -43.30
C ALA C 458 -25.22 -14.96 -41.87
N LEU C 459 -26.39 -14.59 -41.36
CA LEU C 459 -26.73 -14.88 -39.96
C LEU C 459 -26.97 -16.37 -39.67
N ASP C 460 -26.92 -17.27 -40.65
CA ASP C 460 -27.06 -18.69 -40.33
C ASP C 460 -25.76 -19.46 -40.51
N GLY C 461 -24.63 -18.76 -40.62
CA GLY C 461 -23.36 -19.42 -40.79
C GLY C 461 -23.02 -19.77 -42.22
N SER C 462 -24.02 -19.73 -43.10
CA SER C 462 -23.81 -19.92 -44.53
C SER C 462 -22.95 -18.81 -45.11
N ASP C 463 -22.36 -19.10 -46.28
CA ASP C 463 -21.52 -18.15 -47.01
C ASP C 463 -20.31 -17.68 -46.18
N ARG C 464 -19.71 -18.58 -45.41
CA ARG C 464 -18.55 -18.20 -44.61
C ARG C 464 -17.43 -17.78 -45.56
N VAL C 465 -17.10 -16.49 -45.59
CA VAL C 465 -16.06 -15.97 -46.45
C VAL C 465 -15.11 -15.08 -45.64
N VAL C 466 -13.84 -15.09 -46.02
CA VAL C 466 -12.81 -14.30 -45.36
C VAL C 466 -12.71 -12.94 -46.03
N LEU C 467 -12.80 -11.88 -45.21
CA LEU C 467 -12.87 -10.52 -45.72
C LEU C 467 -11.51 -9.82 -45.67
N VAL C 468 -10.69 -10.11 -44.66
CA VAL C 468 -9.34 -9.59 -44.55
C VAL C 468 -8.44 -10.75 -44.14
N ASN C 469 -7.28 -10.86 -44.80
CA ASN C 469 -6.46 -12.08 -44.77
C ASN C 469 -5.03 -11.86 -44.30
N THR C 470 -4.43 -10.72 -44.63
CA THR C 470 -3.01 -10.49 -44.50
C THR C 470 -2.75 -9.25 -43.67
N SER C 471 -1.50 -9.15 -43.18
CA SER C 471 -1.09 -8.10 -42.25
C SER C 471 -1.90 -8.13 -40.97
N LEU C 472 -2.35 -9.33 -40.59
CA LEU C 472 -3.04 -9.55 -39.33
C LEU C 472 -2.19 -10.46 -38.47
N GLY C 473 -2.20 -10.20 -37.17
CA GLY C 473 -1.55 -11.06 -36.20
C GLY C 473 -2.51 -11.61 -35.17
N TRP C 474 -2.90 -10.77 -34.23
CA TRP C 474 -3.84 -11.16 -33.18
C TRP C 474 -4.98 -10.14 -33.23
N PRO C 475 -6.00 -10.41 -34.04
CA PRO C 475 -7.15 -9.50 -34.11
C PRO C 475 -7.97 -9.61 -32.83
N ASN C 476 -8.22 -8.45 -32.20
CA ASN C 476 -8.76 -8.41 -30.86
C ASN C 476 -10.17 -7.86 -30.79
N GLY C 477 -10.60 -7.05 -31.75
CA GLY C 477 -11.89 -6.39 -31.65
C GLY C 477 -12.46 -5.98 -32.98
N LEU C 478 -13.78 -6.06 -33.13
CA LEU C 478 -14.46 -5.79 -34.40
C LEU C 478 -15.66 -4.89 -34.11
N ALA C 479 -15.77 -3.79 -34.86
CA ALA C 479 -16.97 -2.96 -34.83
C ALA C 479 -17.61 -2.88 -36.19
N LEU C 480 -18.94 -2.82 -36.21
CA LEU C 480 -19.73 -2.55 -37.40
C LEU C 480 -20.34 -1.15 -37.34
N ASP C 481 -20.19 -0.40 -38.44
CA ASP C 481 -20.88 0.87 -38.65
C ASP C 481 -22.16 0.60 -39.43
N TYR C 482 -23.23 0.29 -38.70
CA TYR C 482 -24.49 -0.07 -39.33
C TYR C 482 -24.98 1.02 -40.27
N ASP C 483 -24.73 2.28 -39.92
CA ASP C 483 -25.21 3.38 -40.75
C ASP C 483 -24.56 3.38 -42.13
N GLU C 484 -23.23 3.22 -42.18
CA GLU C 484 -22.49 3.52 -43.39
C GLU C 484 -21.83 2.30 -44.00
N GLY C 485 -22.30 1.10 -43.67
CA GLY C 485 -21.80 -0.09 -44.34
C GLY C 485 -20.33 -0.36 -44.12
N LYS C 486 -19.82 -0.05 -42.93
CA LYS C 486 -18.41 -0.15 -42.62
C LYS C 486 -18.19 -1.14 -41.48
N ILE C 487 -17.00 -1.73 -41.45
CA ILE C 487 -16.52 -2.56 -40.35
C ILE C 487 -15.17 -2.03 -39.89
N TYR C 488 -14.95 -2.06 -38.58
CA TYR C 488 -13.73 -1.61 -37.94
C TYR C 488 -13.14 -2.76 -37.13
N TRP C 489 -11.81 -2.84 -37.10
CA TRP C 489 -11.20 -3.85 -36.26
C TRP C 489 -9.89 -3.35 -35.68
N GLY C 490 -9.41 -4.05 -34.65
CA GLY C 490 -8.13 -3.76 -34.04
C GLY C 490 -7.37 -5.06 -33.85
N ASP C 491 -6.06 -4.95 -33.61
CA ASP C 491 -5.24 -6.16 -33.58
C ASP C 491 -4.21 -6.07 -32.48
N ALA C 492 -4.23 -7.08 -31.60
CA ALA C 492 -3.31 -7.14 -30.48
C ALA C 492 -1.87 -7.20 -30.95
N LYS C 493 -1.60 -8.05 -31.95
CA LYS C 493 -0.23 -8.31 -32.36
C LYS C 493 0.31 -7.18 -33.20
N THR C 494 -0.54 -6.55 -34.00
CA THR C 494 -0.12 -5.52 -34.94
C THR C 494 -0.34 -4.13 -34.37
N ASP C 495 -0.93 -4.04 -33.18
CA ASP C 495 -1.20 -2.77 -32.50
C ASP C 495 -1.79 -1.71 -33.42
N LYS C 496 -2.71 -2.13 -34.28
CA LYS C 496 -3.32 -1.23 -35.24
C LYS C 496 -4.84 -1.36 -35.17
N ILE C 497 -5.53 -0.23 -35.32
CA ILE C 497 -6.98 -0.23 -35.50
C ILE C 497 -7.26 0.25 -36.92
N GLU C 498 -7.88 -0.61 -37.72
CA GLU C 498 -8.10 -0.42 -39.14
C GLU C 498 -9.59 -0.26 -39.43
N VAL C 499 -9.88 0.53 -40.46
CA VAL C 499 -11.24 0.76 -40.95
C VAL C 499 -11.39 0.20 -42.36
N MET C 500 -12.59 -0.26 -42.69
CA MET C 500 -12.83 -0.92 -43.97
C MET C 500 -14.32 -0.90 -44.24
N ASN C 501 -14.68 -0.94 -45.53
CA ASN C 501 -16.08 -1.11 -45.89
C ASN C 501 -16.55 -2.55 -45.70
N THR C 502 -17.85 -2.71 -45.39
CA THR C 502 -18.45 -3.99 -45.02
C THR C 502 -18.49 -5.01 -46.17
N ASP C 503 -17.86 -4.67 -47.31
CA ASP C 503 -17.64 -5.61 -48.41
C ASP C 503 -16.62 -4.98 -49.35
N GLY C 504 -17.07 -4.15 -50.28
CA GLY C 504 -16.16 -3.47 -51.19
C GLY C 504 -15.07 -2.78 -50.39
N THR C 505 -13.91 -3.41 -50.30
CA THR C 505 -12.90 -2.99 -49.35
C THR C 505 -12.47 -1.55 -49.55
N GLY C 506 -12.03 -0.94 -48.45
CA GLY C 506 -11.47 0.39 -48.39
C GLY C 506 -10.56 0.42 -47.18
N ARG C 507 -9.69 -0.58 -47.10
CA ARG C 507 -8.87 -0.82 -45.93
C ARG C 507 -7.95 0.35 -45.62
N ARG C 508 -7.89 0.69 -44.34
CA ARG C 508 -7.17 1.86 -43.84
C ARG C 508 -6.97 1.65 -42.36
N VAL C 509 -5.74 1.87 -41.89
CA VAL C 509 -5.40 1.77 -40.48
C VAL C 509 -5.67 3.12 -39.83
N LEU C 510 -6.76 3.21 -39.07
CA LEU C 510 -7.15 4.49 -38.52
C LEU C 510 -6.18 4.95 -37.43
N VAL C 511 -5.76 4.06 -36.53
CA VAL C 511 -4.80 4.48 -35.51
C VAL C 511 -3.76 3.41 -35.20
N GLU C 512 -2.59 3.87 -34.77
CA GLU C 512 -1.40 3.05 -34.50
C GLU C 512 -1.07 3.26 -33.02
N ASP C 513 -1.45 2.32 -32.16
CA ASP C 513 -1.19 2.46 -30.73
C ASP C 513 -1.29 1.10 -30.06
N LYS C 514 -0.62 0.96 -28.91
CA LYS C 514 -0.62 -0.32 -28.21
C LYS C 514 -2.06 -0.66 -27.80
N ILE C 515 -2.39 -1.95 -27.92
CA ILE C 515 -3.75 -2.43 -27.76
C ILE C 515 -3.81 -3.47 -26.64
N PRO C 516 -4.59 -3.22 -25.59
CA PRO C 516 -4.77 -4.21 -24.52
C PRO C 516 -5.36 -5.52 -25.07
N HIS C 517 -4.75 -6.64 -24.70
CA HIS C 517 -5.29 -7.98 -24.95
C HIS C 517 -6.81 -8.07 -24.85
N ILE C 518 -7.36 -7.65 -23.73
CA ILE C 518 -8.78 -7.45 -23.58
C ILE C 518 -9.04 -5.96 -23.66
N PHE C 519 -9.90 -5.58 -24.61
CA PHE C 519 -9.99 -4.21 -25.10
C PHE C 519 -11.44 -3.78 -25.05
N GLY C 520 -11.74 -2.72 -24.33
CA GLY C 520 -13.11 -2.28 -24.36
C GLY C 520 -13.26 -1.33 -25.52
N PHE C 521 -13.92 -1.82 -26.57
CA PHE C 521 -14.00 -1.13 -27.84
C PHE C 521 -15.45 -0.95 -28.27
N THR C 522 -15.83 0.28 -28.60
CA THR C 522 -17.20 0.51 -29.01
C THR C 522 -17.28 1.77 -29.86
N LEU C 523 -18.29 1.81 -30.72
CA LEU C 523 -18.54 2.91 -31.62
C LEU C 523 -19.99 3.32 -31.50
N LEU C 524 -20.23 4.64 -31.45
CA LEU C 524 -21.60 5.17 -31.51
C LEU C 524 -21.51 6.62 -31.93
N GLY C 525 -22.18 6.99 -33.01
CA GLY C 525 -22.19 8.39 -33.40
C GLY C 525 -20.98 8.75 -34.23
N ASP C 526 -20.25 9.77 -33.77
CA ASP C 526 -19.05 10.22 -34.45
C ASP C 526 -17.78 9.81 -33.74
N TYR C 527 -17.88 9.15 -32.58
CA TYR C 527 -16.72 8.76 -31.81
C TYR C 527 -16.58 7.24 -31.77
N VAL C 528 -15.36 6.83 -31.44
CA VAL C 528 -14.96 5.43 -31.32
C VAL C 528 -14.29 5.29 -29.96
N TYR C 529 -14.76 4.33 -29.17
CA TYR C 529 -14.22 4.06 -27.84
C TYR C 529 -13.33 2.83 -27.87
N TRP C 530 -12.19 2.93 -27.18
CA TRP C 530 -11.25 1.82 -27.11
C TRP C 530 -10.48 1.93 -25.80
N THR C 531 -9.80 0.84 -25.45
CA THR C 531 -9.06 0.72 -24.21
C THR C 531 -7.56 0.86 -24.46
N ASP C 532 -6.86 1.48 -23.50
CA ASP C 532 -5.42 1.66 -23.64
C ASP C 532 -4.68 0.37 -23.28
N TRP C 533 -3.40 0.31 -23.70
CA TRP C 533 -2.56 -0.88 -23.52
C TRP C 533 -2.67 -1.53 -22.14
N GLN C 534 -2.55 -0.74 -21.09
CA GLN C 534 -2.56 -1.23 -19.71
C GLN C 534 -3.95 -1.62 -19.24
N ARG C 535 -4.98 -1.35 -20.04
CA ARG C 535 -6.38 -1.60 -19.70
C ARG C 535 -6.77 -0.87 -18.42
N ARG C 536 -6.34 0.39 -18.34
CA ARG C 536 -6.51 1.24 -17.19
C ARG C 536 -7.38 2.45 -17.52
N SER C 537 -7.68 2.66 -18.81
CA SER C 537 -8.32 3.87 -19.30
C SER C 537 -8.99 3.56 -20.63
N ILE C 538 -10.00 4.36 -20.96
CA ILE C 538 -10.73 4.28 -22.21
C ILE C 538 -10.54 5.61 -22.95
N GLU C 539 -9.88 5.54 -24.10
CA GLU C 539 -9.71 6.68 -24.99
C GLU C 539 -10.81 6.65 -26.04
N ARG C 540 -11.15 7.83 -26.54
CA ARG C 540 -11.98 7.95 -27.72
C ARG C 540 -11.27 8.68 -28.85
N VAL C 541 -11.67 8.35 -30.07
CA VAL C 541 -11.20 8.98 -31.29
C VAL C 541 -12.43 9.37 -32.10
N HIS C 542 -12.47 10.60 -32.58
CA HIS C 542 -13.61 11.05 -33.38
C HIS C 542 -13.59 10.35 -34.74
N LYS C 543 -14.35 9.24 -34.83
CA LYS C 543 -14.40 8.37 -36.00
C LYS C 543 -14.29 9.14 -37.31
N ARG C 544 -14.93 10.30 -37.38
CA ARG C 544 -14.86 11.16 -38.54
C ARG C 544 -13.50 11.81 -38.60
N SER C 545 -13.30 12.83 -37.74
CA SER C 545 -12.07 13.60 -37.64
C SER C 545 -10.90 12.74 -37.15
N ALA C 546 -10.25 13.19 -36.10
CA ALA C 546 -9.04 12.53 -35.60
C ALA C 546 -8.87 12.83 -34.12
N GLU C 547 -9.62 13.81 -33.62
CA GLU C 547 -9.50 14.27 -32.24
C GLU C 547 -9.60 13.10 -31.27
N ARG C 548 -8.58 12.96 -30.43
CA ARG C 548 -8.50 11.89 -29.43
C ARG C 548 -8.61 12.53 -28.05
N GLU C 549 -9.68 12.19 -27.33
CA GLU C 549 -9.85 12.60 -25.94
C GLU C 549 -10.02 11.38 -25.06
N VAL C 550 -9.19 11.28 -24.02
CA VAL C 550 -9.27 10.20 -23.05
C VAL C 550 -10.54 10.39 -22.22
N ILE C 551 -11.42 9.39 -22.25
CA ILE C 551 -12.73 9.51 -21.62
C ILE C 551 -12.66 9.12 -20.15
N ILE C 552 -12.15 7.94 -19.84
CA ILE C 552 -12.09 7.46 -18.47
C ILE C 552 -10.66 7.04 -18.20
N ASP C 553 -10.17 7.31 -16.99
CA ASP C 553 -8.79 7.07 -16.63
C ASP C 553 -8.72 6.35 -15.30
N GLN C 554 -7.52 5.87 -14.96
CA GLN C 554 -7.22 5.41 -13.61
C GLN C 554 -8.10 4.25 -13.17
N LEU C 555 -8.53 3.40 -14.11
CA LEU C 555 -9.48 2.34 -13.81
C LEU C 555 -8.93 1.08 -14.47
N PRO C 556 -8.22 0.27 -13.71
CA PRO C 556 -7.42 -0.80 -14.31
C PRO C 556 -8.30 -1.99 -14.66
N ASP C 557 -7.73 -2.87 -15.48
CA ASP C 557 -8.33 -4.15 -15.81
C ASP C 557 -9.59 -3.93 -16.64
N LEU C 558 -9.53 -2.98 -17.57
CA LEU C 558 -10.62 -2.79 -18.50
C LEU C 558 -10.61 -3.91 -19.53
N MET C 559 -11.77 -4.35 -19.91
CA MET C 559 -11.82 -5.51 -20.77
C MET C 559 -12.72 -5.34 -21.98
N GLY C 560 -13.89 -4.72 -21.81
CA GLY C 560 -14.87 -4.72 -22.88
C GLY C 560 -15.83 -3.56 -22.76
N LEU C 561 -16.40 -3.16 -23.89
CA LEU C 561 -17.20 -1.95 -23.97
C LEU C 561 -18.27 -2.15 -25.04
N LYS C 562 -19.43 -1.55 -24.80
CA LYS C 562 -20.47 -1.46 -25.82
C LYS C 562 -21.26 -0.19 -25.60
N ALA C 563 -21.04 0.82 -26.43
CA ALA C 563 -21.85 2.02 -26.43
C ALA C 563 -23.20 1.79 -27.10
N THR C 564 -24.28 2.23 -26.47
CA THR C 564 -25.62 1.98 -26.99
C THR C 564 -26.62 3.00 -26.47
N ASN C 565 -27.66 3.21 -27.26
CA ASN C 565 -28.79 4.09 -26.93
C ASN C 565 -29.92 3.28 -26.31
N VAL C 566 -30.13 3.45 -25.01
CA VAL C 566 -31.10 2.62 -24.31
C VAL C 566 -32.49 2.76 -24.92
N HIS C 567 -32.83 3.95 -25.41
CA HIS C 567 -34.15 4.17 -25.99
C HIS C 567 -34.21 3.74 -27.45
N ARG C 568 -33.61 4.55 -28.32
CA ARG C 568 -33.62 4.41 -29.78
C ARG C 568 -33.38 2.98 -30.25
N VAL C 569 -34.29 2.47 -31.08
CA VAL C 569 -34.15 1.15 -31.70
C VAL C 569 -34.30 1.35 -33.19
N ILE C 570 -33.20 1.19 -33.93
CA ILE C 570 -33.15 1.43 -35.37
C ILE C 570 -33.47 0.16 -36.14
N GLY C 571 -34.46 0.24 -37.05
CA GLY C 571 -34.64 -0.78 -38.05
C GLY C 571 -35.47 -1.98 -37.64
N SER C 572 -35.62 -2.88 -38.61
CA SER C 572 -36.42 -4.09 -38.49
C SER C 572 -36.15 -4.95 -39.72
N ASN C 573 -36.39 -6.24 -39.58
CA ASN C 573 -36.32 -7.16 -40.70
C ASN C 573 -37.46 -8.17 -40.61
N PRO C 574 -37.71 -9.00 -41.65
CA PRO C 574 -38.84 -9.94 -41.58
C PRO C 574 -38.81 -10.81 -40.33
N CYS C 575 -37.63 -10.98 -39.73
CA CYS C 575 -37.56 -11.74 -38.49
C CYS C 575 -38.34 -11.02 -37.39
N ALA C 576 -38.46 -9.69 -37.49
CA ALA C 576 -39.10 -8.88 -36.46
C ALA C 576 -40.57 -9.21 -36.28
N GLU C 577 -41.18 -9.92 -37.22
CA GLU C 577 -42.59 -10.32 -37.13
C GLU C 577 -42.65 -11.81 -36.86
N GLU C 578 -43.16 -12.17 -35.67
CA GLU C 578 -43.39 -13.55 -35.27
C GLU C 578 -42.12 -14.39 -35.39
N ASN C 579 -40.98 -13.80 -35.05
CA ASN C 579 -39.66 -14.44 -35.18
C ASN C 579 -39.45 -15.04 -36.56
N GLY C 580 -39.99 -14.37 -37.58
CA GLY C 580 -39.94 -14.89 -38.94
C GLY C 580 -40.56 -16.25 -39.15
N GLY C 581 -41.39 -16.70 -38.22
CA GLY C 581 -42.00 -18.02 -38.32
C GLY C 581 -41.04 -19.16 -38.02
N CYS C 582 -40.01 -18.91 -37.23
CA CYS C 582 -39.04 -19.93 -36.87
C CYS C 582 -39.29 -20.43 -35.45
N SER C 583 -39.24 -21.75 -35.29
CA SER C 583 -39.53 -22.32 -33.98
C SER C 583 -38.45 -22.02 -32.95
N HIS C 584 -37.26 -21.59 -33.39
CA HIS C 584 -36.20 -21.27 -32.44
C HIS C 584 -35.45 -20.00 -32.83
N LEU C 585 -34.45 -20.16 -33.68
CA LEU C 585 -33.59 -19.08 -34.12
C LEU C 585 -34.07 -18.58 -35.48
N CYS C 586 -34.23 -17.26 -35.60
CA CYS C 586 -34.53 -16.62 -36.87
C CYS C 586 -33.25 -15.98 -37.38
N LEU C 587 -32.65 -16.56 -38.42
CA LEU C 587 -31.38 -16.11 -38.95
C LEU C 587 -31.61 -15.50 -40.34
N TYR C 588 -31.30 -14.22 -40.47
CA TYR C 588 -31.69 -13.42 -41.62
C TYR C 588 -30.49 -13.37 -42.55
N ARG C 589 -30.70 -13.78 -43.78
CA ARG C 589 -29.72 -13.64 -44.84
C ARG C 589 -30.08 -12.45 -45.73
N PRO C 590 -29.13 -11.92 -46.51
CA PRO C 590 -29.52 -10.89 -47.48
C PRO C 590 -30.36 -11.47 -48.57
N GLN C 591 -30.26 -12.78 -48.78
CA GLN C 591 -30.97 -13.51 -49.81
C GLN C 591 -32.30 -14.03 -49.29
N GLY C 592 -32.61 -13.76 -48.02
CA GLY C 592 -33.78 -14.31 -47.36
C GLY C 592 -33.55 -14.43 -45.87
N LEU C 593 -33.66 -15.65 -45.36
CA LEU C 593 -33.78 -15.93 -43.94
C LEU C 593 -33.82 -17.44 -43.76
N ARG C 594 -33.05 -17.97 -42.82
CA ARG C 594 -33.16 -19.38 -42.47
C ARG C 594 -33.39 -19.56 -40.99
N CYS C 595 -34.33 -20.45 -40.66
CA CYS C 595 -34.57 -20.83 -39.28
C CYS C 595 -33.51 -21.80 -38.81
N ALA C 596 -33.25 -21.80 -37.51
CA ALA C 596 -32.24 -22.69 -36.95
C ALA C 596 -32.81 -23.41 -35.73
N CYS C 597 -32.07 -24.42 -35.32
CA CYS C 597 -32.41 -25.33 -34.23
C CYS C 597 -31.27 -25.40 -33.22
N PRO C 598 -31.59 -25.61 -31.93
CA PRO C 598 -30.63 -25.84 -30.85
C PRO C 598 -29.75 -27.07 -31.09
C1 PAM D . 27.50 -17.99 46.16
O1 PAM D . 28.45 -18.47 45.60
C2 PAM D . 27.19 -18.15 47.62
C3 PAM D . 28.40 -17.90 48.52
C4 PAM D . 28.23 -18.49 49.92
C5 PAM D . 29.55 -18.81 50.61
C6 PAM D . 29.39 -19.30 52.04
C7 PAM D . 30.66 -19.48 52.87
C8 PAM D . 30.41 -19.25 54.35
C9 PAM D . 31.61 -19.39 55.24
C10 PAM D . 31.69 -18.89 56.47
C11 PAM D . 30.61 -18.08 57.12
C12 PAM D . 30.92 -17.47 58.50
C13 PAM D . 30.93 -18.43 59.70
C14 PAM D . 31.89 -19.62 59.67
C15 PAM D . 31.92 -20.35 61.01
C16 PAM D . 32.71 -21.65 60.97
#